data_5IUL
#
_entry.id   5IUL
#
_cell.length_a   88.186
_cell.length_b   116.680
_cell.length_c   91.877
_cell.angle_alpha   90.000
_cell.angle_beta   117.100
_cell.angle_gamma   90.000
#
_symmetry.space_group_name_H-M   'P 1 21 1'
#
loop_
_entity.id
_entity.type
_entity.pdbx_description
1 polymer 'Sensor histidine kinase DesK'
2 polymer 'Transcriptional regulatory protein DesR'
3 non-polymer 'PHOSPHOMETHYLPHOSPHONIC ACID ADENYLATE ESTER'
4 non-polymer 'MAGNESIUM ION'
5 non-polymer 'POTASSIUM ION'
6 water water
#
loop_
_entity_poly.entity_id
_entity_poly.type
_entity_poly.pdbx_seq_one_letter_code
_entity_poly.pdbx_strand_id
1 'polypeptide(L)'
;GRKERERLEEKLEDANERIAELVKLEERQRIARDLEDTLGQKLSLIGLKSDLARKLIYKDPEQAARELKSVQQTARTSLN
EVRKIVSSMKGIRLKDELINIKQILEAADIMFIYEEEKWPENISLLNENILSMCLKEAVTNVVKHSQAKTCRVDIQQLWK
EVVITVSDDGTFKGEENSFSKGHGLLGMRERLEFANGSLHIDTENGTKLTMAIPNNSK
;
A,B,D,E
2 'polypeptide(L)'
;GSGSMISIFIAEDQQMLLGALGSLLNLEDDMEVVGKGTTGQDAVDFVKKRQPDVCIMDIEMPGKTGLEAAEELKDTGCKI
IILTTFARPGYFQRAIKAGVKGYLLKDSPSEELANAIRSVMNGKRIYAPELMEDLYSEA
;
C,F
#
loop_
_chem_comp.id
_chem_comp.type
_chem_comp.name
_chem_comp.formula
ACP non-polymer 'PHOSPHOMETHYLPHOSPHONIC ACID ADENYLATE ESTER' 'C11 H18 N5 O12 P3'
K non-polymer 'POTASSIUM ION' 'K 1'
MG non-polymer 'MAGNESIUM ION' 'Mg 2'
#
# COMPACT_ATOMS: atom_id res chain seq x y z
N LYS A 3 21.75 -4.47 -56.28
CA LYS A 3 23.18 -4.54 -55.97
C LYS A 3 23.54 -5.86 -55.31
N GLU A 4 24.79 -6.29 -55.48
CA GLU A 4 25.38 -7.49 -54.86
C GLU A 4 25.49 -7.28 -53.35
N ARG A 5 25.70 -6.01 -52.93
CA ARG A 5 25.80 -5.56 -51.54
C ARG A 5 24.54 -5.88 -50.73
N GLU A 6 23.39 -6.02 -51.43
CA GLU A 6 22.11 -6.37 -50.83
C GLU A 6 22.11 -7.88 -50.49
N ARG A 7 22.50 -8.72 -51.49
CA ARG A 7 22.59 -10.19 -51.40
C ARG A 7 23.64 -10.65 -50.37
N LEU A 8 24.75 -9.90 -50.23
CA LEU A 8 25.79 -10.18 -49.23
C LEU A 8 25.24 -9.88 -47.83
N GLU A 9 24.49 -8.76 -47.69
CA GLU A 9 23.85 -8.39 -46.44
C GLU A 9 22.74 -9.36 -46.10
N GLU A 10 22.14 -10.00 -47.15
CA GLU A 10 21.13 -11.04 -46.98
C GLU A 10 21.83 -12.23 -46.30
N LYS A 11 23.01 -12.63 -46.86
CA LYS A 11 23.89 -13.71 -46.39
C LYS A 11 24.43 -13.45 -44.99
N LEU A 12 24.74 -12.17 -44.67
CA LEU A 12 25.23 -11.72 -43.36
C LEU A 12 24.14 -11.76 -42.28
N GLU A 13 22.88 -11.43 -42.66
CA GLU A 13 21.70 -11.49 -41.78
C GLU A 13 21.39 -12.98 -41.55
N ASP A 14 21.37 -13.78 -42.63
CA ASP A 14 21.09 -15.22 -42.59
C ASP A 14 22.06 -15.95 -41.65
N ALA A 15 23.38 -15.64 -41.76
CA ALA A 15 24.45 -16.18 -40.92
C ALA A 15 24.24 -15.75 -39.49
N ASN A 16 24.20 -14.42 -39.25
CA ASN A 16 23.99 -13.89 -37.91
C ASN A 16 22.77 -14.48 -37.21
N GLU A 17 21.64 -14.67 -37.97
CA GLU A 17 20.42 -15.28 -37.44
C GLU A 17 20.62 -16.78 -37.17
N ARG A 18 21.32 -17.50 -38.07
CA ARG A 18 21.63 -18.92 -37.84
C ARG A 18 22.44 -19.05 -36.52
N ILE A 19 23.48 -18.17 -36.33
CA ILE A 19 24.32 -18.15 -35.12
C ILE A 19 23.45 -17.95 -33.89
N ALA A 20 22.57 -16.93 -33.96
CA ALA A 20 21.63 -16.57 -32.91
C ALA A 20 20.70 -17.73 -32.55
N GLU A 21 19.98 -18.31 -33.56
CA GLU A 21 19.02 -19.42 -33.44
C GLU A 21 19.55 -20.60 -32.57
N LEU A 22 20.86 -20.86 -32.55
CA LEU A 22 21.47 -21.93 -31.73
C LEU A 22 21.65 -21.53 -30.28
N VAL A 23 21.81 -20.22 -30.00
CA VAL A 23 21.97 -19.66 -28.65
C VAL A 23 20.60 -19.61 -27.95
N LYS A 24 19.58 -19.33 -28.76
CA LYS A 24 18.19 -19.26 -28.34
C LYS A 24 17.73 -20.68 -27.99
N LEU A 25 18.16 -21.68 -28.78
CA LEU A 25 17.82 -23.08 -28.50
C LEU A 25 18.49 -23.58 -27.22
N GLU A 26 19.73 -23.08 -26.91
CA GLU A 26 20.49 -23.33 -25.67
C GLU A 26 19.55 -22.93 -24.53
N GLU A 27 19.11 -21.64 -24.56
CA GLU A 27 18.22 -21.01 -23.60
C GLU A 27 16.90 -21.77 -23.42
N ARG A 28 16.14 -21.99 -24.53
CA ARG A 28 14.88 -22.75 -24.55
C ARG A 28 15.04 -24.05 -23.79
N GLN A 29 16.06 -24.85 -24.15
CA GLN A 29 16.35 -26.11 -23.49
C GLN A 29 16.69 -25.95 -22.00
N ARG A 30 17.28 -24.80 -21.55
CA ARG A 30 17.59 -24.60 -20.11
C ARG A 30 16.33 -24.35 -19.29
N ILE A 31 15.52 -23.39 -19.77
CA ILE A 31 14.27 -22.94 -19.17
C ILE A 31 13.33 -24.12 -19.17
N ALA A 32 13.04 -24.73 -20.36
CA ALA A 32 12.09 -25.83 -20.56
C ALA A 32 12.33 -27.08 -19.66
N ARG A 33 13.57 -27.24 -19.08
CA ARG A 33 13.84 -28.28 -18.10
C ARG A 33 13.67 -27.73 -16.69
N ASP A 34 14.18 -26.53 -16.40
CA ASP A 34 14.07 -25.86 -15.10
C ASP A 34 12.58 -25.65 -14.72
N LEU A 35 11.72 -25.47 -15.74
CA LEU A 35 10.27 -25.30 -15.60
C LEU A 35 9.53 -26.66 -15.45
N GLU A 36 9.80 -27.67 -16.33
CA GLU A 36 9.20 -29.01 -16.22
C GLU A 36 9.61 -29.65 -14.90
N ASP A 37 10.71 -29.16 -14.32
CA ASP A 37 11.27 -29.63 -13.07
C ASP A 37 10.41 -29.11 -11.93
N THR A 38 10.46 -27.81 -11.70
CA THR A 38 9.79 -27.06 -10.62
C THR A 38 8.23 -27.03 -10.72
N LEU A 39 7.65 -26.90 -11.94
CA LEU A 39 6.19 -26.83 -12.11
C LEU A 39 5.52 -28.11 -12.58
N GLY A 40 6.25 -28.92 -13.33
CA GLY A 40 5.79 -30.16 -13.94
C GLY A 40 5.01 -31.10 -13.06
N GLN A 41 5.54 -31.38 -11.85
CA GLN A 41 4.89 -32.28 -10.87
C GLN A 41 3.58 -31.68 -10.38
N LYS A 42 3.64 -30.43 -9.89
CA LYS A 42 2.48 -29.70 -9.42
C LYS A 42 1.31 -29.69 -10.43
N LEU A 43 1.60 -29.44 -11.73
CA LEU A 43 0.59 -29.45 -12.79
C LEU A 43 -0.05 -30.81 -12.99
N SER A 44 0.73 -31.87 -12.88
CA SER A 44 0.24 -33.24 -13.05
C SER A 44 -0.58 -33.61 -11.85
N LEU A 45 -0.14 -33.13 -10.66
CA LEU A 45 -0.87 -33.40 -9.44
C LEU A 45 -2.28 -32.79 -9.53
N ILE A 46 -2.39 -31.61 -10.15
CA ILE A 46 -3.66 -30.91 -10.37
C ILE A 46 -4.58 -31.72 -11.24
N GLY A 47 -4.07 -32.18 -12.37
CA GLY A 47 -4.83 -33.01 -13.28
C GLY A 47 -5.38 -34.23 -12.57
N LEU A 48 -4.49 -35.01 -11.90
CA LEU A 48 -4.87 -36.22 -11.17
C LEU A 48 -5.91 -35.99 -10.12
N LYS A 49 -5.70 -35.00 -9.25
CA LYS A 49 -6.67 -34.71 -8.18
C LYS A 49 -8.05 -34.24 -8.73
N SER A 50 -8.08 -33.50 -9.90
CA SER A 50 -9.29 -33.05 -10.63
C SER A 50 -10.06 -34.25 -11.15
N ASP A 51 -9.30 -35.23 -11.74
CA ASP A 51 -9.80 -36.49 -12.29
C ASP A 51 -10.46 -37.27 -11.14
N LEU A 52 -9.70 -37.51 -10.07
CA LEU A 52 -10.16 -38.19 -8.88
C LEU A 52 -11.41 -37.52 -8.25
N ALA A 53 -11.39 -36.18 -8.04
CA ALA A 53 -12.52 -35.39 -7.49
C ALA A 53 -13.81 -35.52 -8.33
N ARG A 54 -13.68 -35.61 -9.67
CA ARG A 54 -14.80 -35.81 -10.60
C ARG A 54 -15.34 -37.25 -10.49
N LYS A 55 -14.45 -38.24 -10.31
CA LYS A 55 -14.80 -39.65 -10.17
C LYS A 55 -15.38 -39.94 -8.78
N LEU A 56 -15.27 -38.97 -7.85
CA LEU A 56 -15.80 -39.14 -6.50
C LEU A 56 -17.12 -38.40 -6.23
N ILE A 57 -17.33 -37.21 -6.85
CA ILE A 57 -18.50 -36.34 -6.79
C ILE A 57 -19.75 -37.04 -6.24
N TYR A 58 -20.15 -38.20 -6.83
CA TYR A 58 -21.34 -38.92 -6.40
C TYR A 58 -21.04 -40.02 -5.37
N LYS A 59 -19.98 -40.81 -5.58
CA LYS A 59 -19.62 -41.88 -4.66
C LYS A 59 -19.26 -41.37 -3.24
N ASP A 60 -18.35 -40.36 -3.11
CA ASP A 60 -17.97 -39.72 -1.85
C ASP A 60 -17.68 -38.22 -2.04
N PRO A 61 -18.74 -37.41 -2.01
CA PRO A 61 -18.59 -35.94 -2.20
C PRO A 61 -17.72 -35.22 -1.18
N GLU A 62 -17.61 -35.77 0.03
CA GLU A 62 -16.81 -35.25 1.13
C GLU A 62 -15.35 -35.33 0.73
N GLN A 63 -14.93 -36.45 0.09
CA GLN A 63 -13.55 -36.65 -0.40
C GLN A 63 -13.28 -35.77 -1.59
N ALA A 64 -14.29 -35.63 -2.48
CA ALA A 64 -14.20 -34.78 -3.67
C ALA A 64 -13.80 -33.40 -3.22
N ALA A 65 -14.56 -32.87 -2.25
CA ALA A 65 -14.37 -31.55 -1.64
C ALA A 65 -12.96 -31.42 -1.09
N ARG A 66 -12.48 -32.45 -0.32
CA ARG A 66 -11.13 -32.51 0.27
C ARG A 66 -10.08 -32.40 -0.84
N GLU A 67 -10.25 -33.18 -1.93
CA GLU A 67 -9.33 -33.16 -3.08
C GLU A 67 -9.35 -31.82 -3.79
N LEU A 68 -10.54 -31.26 -3.97
CA LEU A 68 -10.74 -29.97 -4.61
C LEU A 68 -10.05 -28.81 -3.91
N LYS A 69 -9.97 -28.91 -2.55
CA LYS A 69 -9.33 -27.95 -1.64
C LYS A 69 -7.83 -28.01 -1.94
N SER A 70 -7.31 -29.24 -2.18
CA SER A 70 -5.92 -29.49 -2.51
C SER A 70 -5.65 -28.84 -3.86
N VAL A 71 -6.43 -29.25 -4.90
CA VAL A 71 -6.34 -28.70 -6.25
C VAL A 71 -6.20 -27.19 -6.17
N GLN A 72 -7.21 -26.53 -5.57
CA GLN A 72 -7.29 -25.08 -5.33
C GLN A 72 -5.94 -24.48 -4.86
N GLN A 73 -5.34 -25.09 -3.81
CA GLN A 73 -4.08 -24.64 -3.21
C GLN A 73 -2.87 -24.92 -4.05
N THR A 74 -2.81 -26.12 -4.67
CA THR A 74 -1.70 -26.52 -5.54
C THR A 74 -1.60 -25.52 -6.66
N ALA A 75 -2.75 -25.09 -7.21
CA ALA A 75 -2.84 -24.10 -8.27
C ALA A 75 -2.29 -22.78 -7.77
N ARG A 76 -2.89 -22.27 -6.68
CA ARG A 76 -2.56 -21.01 -6.00
C ARG A 76 -1.06 -20.84 -5.75
N THR A 77 -0.38 -21.95 -5.31
CA THR A 77 1.06 -22.01 -5.02
C THR A 77 1.92 -21.99 -6.28
N SER A 78 1.44 -22.65 -7.34
CA SER A 78 2.17 -22.71 -8.60
C SER A 78 2.07 -21.35 -9.25
N LEU A 79 0.93 -20.66 -9.04
CA LEU A 79 0.79 -19.33 -9.64
C LEU A 79 1.78 -18.38 -9.00
N ASN A 80 2.08 -18.58 -7.70
CA ASN A 80 3.05 -17.78 -6.98
C ASN A 80 4.45 -18.10 -7.44
N GLU A 81 4.69 -19.39 -7.80
CA GLU A 81 5.98 -19.81 -8.33
C GLU A 81 6.27 -19.12 -9.65
N VAL A 82 5.32 -19.22 -10.60
CA VAL A 82 5.38 -18.54 -11.89
C VAL A 82 5.60 -17.03 -11.68
N ARG A 83 4.80 -16.37 -10.83
CA ARG A 83 4.98 -14.93 -10.56
C ARG A 83 6.48 -14.56 -10.34
N LYS A 84 7.26 -15.40 -9.58
CA LYS A 84 8.70 -15.22 -9.28
C LYS A 84 9.54 -15.54 -10.50
N ILE A 85 9.31 -16.72 -11.12
CA ILE A 85 10.02 -17.15 -12.33
C ILE A 85 9.96 -16.02 -13.37
N VAL A 86 8.74 -15.54 -13.66
CA VAL A 86 8.44 -14.50 -14.64
C VAL A 86 9.25 -13.22 -14.32
N SER A 87 9.16 -12.69 -13.08
CA SER A 87 9.88 -11.48 -12.65
C SER A 87 11.41 -11.57 -12.71
N SER A 88 11.96 -12.76 -12.46
CA SER A 88 13.40 -13.03 -12.46
C SER A 88 13.92 -12.94 -13.88
N MET A 89 13.28 -13.69 -14.80
CA MET A 89 13.60 -13.78 -16.21
C MET A 89 13.63 -12.43 -16.91
N LYS A 90 12.85 -11.46 -16.43
CA LYS A 90 12.71 -10.12 -16.99
C LYS A 90 13.89 -9.17 -16.74
N GLY A 91 14.80 -9.47 -15.81
CA GLY A 91 15.97 -8.63 -15.55
C GLY A 91 15.79 -7.44 -14.63
N ILE A 92 16.87 -6.60 -14.49
CA ILE A 92 17.03 -5.40 -13.63
C ILE A 92 16.40 -4.15 -14.21
N ARG A 93 15.41 -3.62 -13.50
CA ARG A 93 14.70 -2.43 -13.91
C ARG A 93 15.56 -1.21 -13.70
N LEU A 94 15.45 -0.25 -14.62
CA LEU A 94 16.21 1.00 -14.59
C LEU A 94 15.89 1.85 -13.36
N LYS A 95 14.62 1.87 -12.91
CA LYS A 95 14.27 2.58 -11.69
C LYS A 95 14.96 1.98 -10.46
N ASP A 96 15.17 0.65 -10.48
CA ASP A 96 15.86 -0.04 -9.40
C ASP A 96 17.35 0.21 -9.45
N GLU A 97 17.92 0.31 -10.65
CA GLU A 97 19.34 0.61 -10.79
C GLU A 97 19.65 2.01 -10.30
N LEU A 98 18.72 2.96 -10.55
CA LEU A 98 18.86 4.33 -10.10
C LEU A 98 19.01 4.39 -8.57
N ILE A 99 18.25 3.55 -7.85
CA ILE A 99 18.34 3.45 -6.39
C ILE A 99 19.70 2.87 -5.99
N ASN A 100 20.19 1.84 -6.70
CA ASN A 100 21.49 1.24 -6.40
C ASN A 100 22.61 2.26 -6.55
N ILE A 101 22.58 3.07 -7.62
CA ILE A 101 23.66 4.02 -7.84
C ILE A 101 23.62 5.18 -6.83
N LYS A 102 22.44 5.58 -6.35
CA LYS A 102 22.33 6.59 -5.30
C LYS A 102 23.06 6.08 -4.04
N GLN A 103 22.79 4.82 -3.64
CA GLN A 103 23.39 4.17 -2.47
C GLN A 103 24.92 4.09 -2.62
N ILE A 104 25.39 3.65 -3.80
CA ILE A 104 26.81 3.47 -4.10
C ILE A 104 27.56 4.78 -4.05
N LEU A 105 27.01 5.82 -4.68
CA LEU A 105 27.64 7.15 -4.70
C LEU A 105 27.70 7.78 -3.31
N GLU A 106 26.59 7.68 -2.54
CA GLU A 106 26.54 8.19 -1.17
C GLU A 106 27.57 7.46 -0.29
N ALA A 107 27.67 6.13 -0.43
CA ALA A 107 28.64 5.33 0.34
C ALA A 107 30.08 5.72 0.00
N ALA A 108 30.31 6.22 -1.22
CA ALA A 108 31.61 6.67 -1.71
C ALA A 108 31.89 8.16 -1.47
N ASP A 109 30.97 8.87 -0.78
CA ASP A 109 31.10 10.31 -0.51
C ASP A 109 31.19 11.16 -1.80
N ILE A 110 30.41 10.76 -2.81
CA ILE A 110 30.29 11.47 -4.09
C ILE A 110 28.85 11.98 -4.18
N MET A 111 28.71 13.30 -4.35
CA MET A 111 27.41 13.97 -4.47
C MET A 111 26.73 13.48 -5.74
N PHE A 112 25.48 13.05 -5.63
CA PHE A 112 24.71 12.54 -6.76
C PHE A 112 23.69 13.58 -7.17
N ILE A 113 23.78 14.00 -8.44
CA ILE A 113 22.89 15.01 -9.01
C ILE A 113 22.04 14.36 -10.07
N TYR A 114 20.74 14.29 -9.79
CA TYR A 114 19.74 13.73 -10.69
C TYR A 114 18.41 14.47 -10.49
N GLU A 115 17.72 14.77 -11.61
CA GLU A 115 16.39 15.38 -11.61
C GLU A 115 15.59 14.72 -12.73
N GLU A 116 14.43 14.08 -12.38
CA GLU A 116 13.62 13.40 -13.39
C GLU A 116 13.08 14.37 -14.41
N GLU A 117 13.38 14.08 -15.69
CA GLU A 117 12.98 14.87 -16.84
C GLU A 117 12.88 13.94 -18.02
N LYS A 118 11.76 13.97 -18.71
CA LYS A 118 11.52 13.14 -19.90
C LYS A 118 11.79 11.64 -19.64
N TRP A 119 11.33 11.12 -18.49
CA TRP A 119 11.51 9.70 -18.19
C TRP A 119 10.91 8.82 -19.34
N PRO A 120 11.64 7.79 -19.82
CA PRO A 120 11.11 6.93 -20.91
C PRO A 120 9.73 6.39 -20.65
N GLU A 121 8.79 6.69 -21.55
CA GLU A 121 7.38 6.30 -21.42
C GLU A 121 7.20 4.81 -21.58
N ASN A 122 8.00 4.21 -22.46
CA ASN A 122 8.00 2.77 -22.70
C ASN A 122 9.25 2.42 -23.39
N ILE A 123 10.02 1.52 -22.77
CA ILE A 123 11.25 0.97 -23.31
C ILE A 123 11.10 -0.54 -23.22
N SER A 124 11.71 -1.29 -24.17
CA SER A 124 11.62 -2.74 -24.12
C SER A 124 12.36 -3.20 -22.90
N LEU A 125 11.93 -4.34 -22.32
CA LEU A 125 12.58 -4.91 -21.14
C LEU A 125 14.04 -5.22 -21.46
N LEU A 126 14.32 -5.68 -22.69
CA LEU A 126 15.71 -5.90 -23.07
C LEU A 126 16.54 -4.64 -23.01
N ASN A 127 16.08 -3.56 -23.67
CA ASN A 127 16.86 -2.32 -23.76
C ASN A 127 16.98 -1.67 -22.40
N GLU A 128 15.95 -1.86 -21.56
CA GLU A 128 15.96 -1.36 -20.20
C GLU A 128 17.06 -2.06 -19.41
N ASN A 129 17.13 -3.39 -19.53
CA ASN A 129 18.15 -4.20 -18.86
C ASN A 129 19.57 -3.85 -19.33
N ILE A 130 19.75 -3.56 -20.64
CA ILE A 130 21.05 -3.17 -21.16
C ILE A 130 21.48 -1.82 -20.54
N LEU A 131 20.56 -0.85 -20.51
CA LEU A 131 20.84 0.45 -19.92
C LEU A 131 21.17 0.35 -18.45
N SER A 132 20.47 -0.53 -17.69
CA SER A 132 20.72 -0.74 -16.26
C SER A 132 22.16 -1.18 -16.05
N MET A 133 22.60 -2.15 -16.86
CA MET A 133 23.95 -2.70 -16.83
C MET A 133 24.98 -1.63 -17.09
N CYS A 134 24.74 -0.78 -18.10
CA CYS A 134 25.64 0.31 -18.49
C CYS A 134 25.66 1.41 -17.47
N LEU A 135 24.50 1.72 -16.89
CA LEU A 135 24.43 2.74 -15.85
C LEU A 135 25.26 2.29 -14.64
N LYS A 136 25.12 1.02 -14.24
CA LYS A 136 25.87 0.44 -13.13
C LYS A 136 27.37 0.58 -13.37
N GLU A 137 27.82 0.17 -14.56
CA GLU A 137 29.23 0.23 -14.89
C GLU A 137 29.81 1.66 -14.92
N ALA A 138 29.05 2.61 -15.51
CA ALA A 138 29.48 4.00 -15.61
C ALA A 138 29.76 4.52 -14.21
N VAL A 139 28.87 4.21 -13.26
CA VAL A 139 28.99 4.64 -11.87
C VAL A 139 30.09 3.87 -11.10
N THR A 140 30.26 2.55 -11.37
CA THR A 140 31.36 1.77 -10.80
C THR A 140 32.68 2.45 -11.21
N ASN A 141 32.77 2.91 -12.47
CA ASN A 141 33.98 3.57 -12.95
C ASN A 141 34.23 4.89 -12.25
N VAL A 142 33.16 5.64 -11.99
CA VAL A 142 33.27 6.90 -11.25
C VAL A 142 33.87 6.59 -9.87
N VAL A 143 33.27 5.62 -9.17
CA VAL A 143 33.68 5.28 -7.81
C VAL A 143 35.15 4.76 -7.75
N LYS A 144 35.53 3.87 -8.66
CA LYS A 144 36.84 3.21 -8.69
C LYS A 144 37.97 4.09 -9.16
N HIS A 145 37.70 4.98 -10.12
CA HIS A 145 38.78 5.72 -10.78
C HIS A 145 38.81 7.24 -10.71
N SER A 146 37.66 7.90 -10.67
CA SER A 146 37.60 9.32 -10.93
C SER A 146 38.21 10.24 -9.90
N GLN A 147 38.06 9.91 -8.61
CA GLN A 147 38.35 10.76 -7.45
C GLN A 147 37.44 12.02 -7.47
N ALA A 148 36.25 11.86 -8.09
CA ALA A 148 35.23 12.89 -8.21
C ALA A 148 34.64 13.22 -6.84
N LYS A 149 34.08 14.43 -6.74
CA LYS A 149 33.32 14.85 -5.56
C LYS A 149 31.82 14.92 -5.94
N THR A 150 31.52 14.98 -7.27
CA THR A 150 30.17 15.06 -7.82
C THR A 150 29.99 14.11 -9.03
N CYS A 151 28.79 13.54 -9.17
CA CYS A 151 28.39 12.71 -10.28
C CYS A 151 26.98 13.10 -10.72
N ARG A 152 26.85 13.48 -12.00
CA ARG A 152 25.59 13.88 -12.59
C ARG A 152 25.06 12.82 -13.54
N VAL A 153 23.82 12.37 -13.30
CA VAL A 153 23.16 11.39 -14.15
C VAL A 153 21.90 12.01 -14.75
N ASP A 154 21.78 11.96 -16.08
CA ASP A 154 20.61 12.43 -16.81
C ASP A 154 20.06 11.23 -17.57
N ILE A 155 18.72 10.98 -17.48
CA ILE A 155 18.07 9.86 -18.16
C ILE A 155 16.84 10.43 -18.85
N GLN A 156 16.91 10.54 -20.20
CA GLN A 156 15.83 11.18 -20.95
C GLN A 156 15.45 10.47 -22.21
N GLN A 157 14.17 10.52 -22.54
CA GLN A 157 13.68 10.02 -23.80
C GLN A 157 13.76 11.25 -24.69
N LEU A 158 14.59 11.16 -25.71
CA LEU A 158 14.79 12.23 -26.66
C LEU A 158 14.58 11.64 -28.03
N TRP A 159 13.52 12.10 -28.74
CA TRP A 159 13.18 11.65 -30.09
C TRP A 159 12.91 10.13 -30.04
N LYS A 160 13.65 9.31 -30.79
CA LYS A 160 13.45 7.86 -30.78
C LYS A 160 14.56 7.10 -30.03
N GLU A 161 15.14 7.75 -29.01
CA GLU A 161 16.19 7.15 -28.19
C GLU A 161 15.95 7.41 -26.76
N VAL A 162 16.53 6.56 -25.93
CA VAL A 162 16.69 6.81 -24.51
C VAL A 162 18.15 7.16 -24.41
N VAL A 163 18.44 8.35 -23.85
CA VAL A 163 19.80 8.85 -23.69
C VAL A 163 20.15 8.93 -22.21
N ILE A 164 21.27 8.29 -21.81
CA ILE A 164 21.75 8.41 -20.44
C ILE A 164 23.10 9.09 -20.46
N THR A 165 23.28 10.13 -19.65
CA THR A 165 24.59 10.76 -19.53
C THR A 165 25.06 10.62 -18.10
N VAL A 166 26.31 10.20 -17.91
CA VAL A 166 26.92 10.06 -16.59
C VAL A 166 28.17 10.92 -16.66
N SER A 167 28.19 11.98 -15.86
CA SER A 167 29.33 12.87 -15.83
C SER A 167 29.87 12.95 -14.42
N ASP A 168 31.17 13.16 -14.29
CA ASP A 168 31.82 13.34 -13.02
C ASP A 168 32.88 14.42 -13.15
N ASP A 169 33.22 15.03 -12.01
CA ASP A 169 34.17 16.13 -11.91
C ASP A 169 35.56 15.70 -11.41
N GLY A 170 35.90 14.42 -11.60
CA GLY A 170 37.21 13.92 -11.25
C GLY A 170 38.18 14.09 -12.41
N THR A 171 39.16 13.19 -12.51
CA THR A 171 40.11 13.22 -13.61
C THR A 171 40.15 11.85 -14.28
N PHE A 172 40.12 11.86 -15.62
CA PHE A 172 40.17 10.63 -16.39
C PHE A 172 41.55 9.98 -16.26
N LYS A 173 41.58 8.67 -16.00
CA LYS A 173 42.83 7.94 -15.73
C LYS A 173 43.32 7.04 -16.85
N GLY A 174 42.54 6.91 -17.90
CA GLY A 174 42.87 5.99 -18.99
C GLY A 174 43.83 6.53 -20.03
N GLU A 175 44.30 5.65 -20.90
CA GLU A 175 45.20 6.00 -21.99
C GLU A 175 44.41 6.59 -23.17
N GLU A 176 45.13 7.05 -24.22
CA GLU A 176 44.56 7.61 -25.45
C GLU A 176 43.39 6.74 -25.93
N ASN A 177 43.61 5.42 -25.99
CA ASN A 177 42.57 4.45 -26.32
C ASN A 177 42.26 3.57 -25.10
N SER A 178 41.19 3.91 -24.39
CA SER A 178 40.81 3.23 -23.15
C SER A 178 39.81 2.10 -23.34
N PHE A 179 39.51 1.76 -24.59
CA PHE A 179 38.55 0.71 -24.94
C PHE A 179 39.28 -0.61 -25.19
N HIS A 183 36.92 -5.38 -20.70
CA HIS A 183 36.65 -4.37 -19.67
C HIS A 183 35.41 -3.56 -20.01
N GLY A 184 34.95 -2.78 -19.04
CA GLY A 184 33.70 -2.03 -19.08
C GLY A 184 33.44 -1.05 -20.20
N LEU A 185 34.42 -0.21 -20.55
CA LEU A 185 34.16 0.77 -21.61
C LEU A 185 33.84 0.13 -22.96
N LEU A 186 34.66 -0.83 -23.37
CA LEU A 186 34.42 -1.55 -24.61
C LEU A 186 33.19 -2.47 -24.45
N GLY A 187 33.05 -3.08 -23.27
CA GLY A 187 31.91 -3.90 -22.94
C GLY A 187 30.59 -3.17 -23.12
N MET A 188 30.46 -1.96 -22.54
CA MET A 188 29.28 -1.13 -22.68
C MET A 188 29.05 -0.74 -24.13
N ARG A 189 30.11 -0.31 -24.83
CA ARG A 189 29.96 0.09 -26.23
C ARG A 189 29.46 -1.08 -27.08
N GLU A 190 30.06 -2.26 -26.92
CA GLU A 190 29.65 -3.44 -27.68
C GLU A 190 28.22 -3.83 -27.39
N ARG A 191 27.83 -3.82 -26.11
CA ARG A 191 26.47 -4.17 -25.67
C ARG A 191 25.46 -3.18 -26.28
N LEU A 192 25.77 -1.86 -26.21
CA LEU A 192 24.91 -0.82 -26.77
C LEU A 192 24.80 -0.90 -28.29
N GLU A 193 25.93 -1.11 -28.95
CA GLU A 193 25.98 -1.18 -30.40
C GLU A 193 25.19 -2.39 -30.92
N PHE A 194 25.19 -3.51 -30.15
CA PHE A 194 24.42 -4.74 -30.47
C PHE A 194 22.94 -4.37 -30.55
N ALA A 195 22.52 -3.45 -29.68
CA ALA A 195 21.15 -2.98 -29.58
C ALA A 195 20.88 -1.80 -30.52
N ASN A 196 21.80 -1.51 -31.46
CA ASN A 196 21.71 -0.39 -32.43
C ASN A 196 21.77 0.97 -31.70
N GLY A 197 22.46 0.96 -30.57
CA GLY A 197 22.72 2.13 -29.75
C GLY A 197 24.15 2.57 -29.93
N SER A 198 24.61 3.43 -29.01
CA SER A 198 25.92 4.06 -29.07
C SER A 198 26.45 4.44 -27.71
N LEU A 199 27.78 4.61 -27.62
CA LEU A 199 28.47 5.09 -26.44
C LEU A 199 29.50 6.08 -26.92
N HIS A 200 29.46 7.30 -26.36
CA HIS A 200 30.45 8.34 -26.61
C HIS A 200 31.02 8.81 -25.29
N ILE A 201 32.29 9.21 -25.33
CA ILE A 201 33.02 9.66 -24.14
C ILE A 201 33.73 10.98 -24.37
N ASP A 202 33.68 11.84 -23.35
CA ASP A 202 34.39 13.11 -23.31
C ASP A 202 35.17 13.13 -21.99
N THR A 203 36.50 13.27 -22.10
CA THR A 203 37.42 13.21 -20.95
C THR A 203 38.13 14.51 -20.67
N GLU A 204 37.57 15.62 -21.13
CA GLU A 204 38.18 16.91 -20.86
C GLU A 204 37.97 17.31 -19.38
N ASN A 205 36.77 17.78 -19.01
CA ASN A 205 36.47 18.24 -17.65
C ASN A 205 35.89 17.14 -16.79
N GLY A 206 36.77 16.22 -16.43
CA GLY A 206 36.41 14.99 -15.76
C GLY A 206 36.10 13.99 -16.85
N THR A 207 35.06 13.17 -16.65
CA THR A 207 34.66 12.13 -17.60
C THR A 207 33.16 12.19 -17.79
N LYS A 208 32.71 12.24 -19.04
CA LYS A 208 31.30 12.21 -19.39
C LYS A 208 31.02 11.16 -20.45
N LEU A 209 30.14 10.23 -20.09
CA LEU A 209 29.68 9.14 -20.95
C LEU A 209 28.28 9.46 -21.42
N THR A 210 28.05 9.36 -22.75
CA THR A 210 26.72 9.54 -23.33
C THR A 210 26.35 8.22 -23.97
N MET A 211 25.32 7.56 -23.44
CA MET A 211 24.91 6.28 -23.94
C MET A 211 23.50 6.45 -24.47
N ALA A 212 23.22 5.92 -25.66
CA ALA A 212 21.89 6.00 -26.27
C ALA A 212 21.47 4.62 -26.76
N ILE A 213 20.18 4.34 -26.71
CA ILE A 213 19.62 3.10 -27.17
C ILE A 213 18.29 3.44 -27.82
N PRO A 214 17.92 2.75 -28.92
CA PRO A 214 16.63 2.99 -29.54
C PRO A 214 15.45 2.71 -28.62
N ASN A 215 14.38 3.48 -28.86
CA ASN A 215 13.10 3.40 -28.18
C ASN A 215 11.96 4.24 -28.80
N ASN A 216 10.82 3.61 -29.16
CA ASN A 216 9.66 4.37 -29.67
C ASN A 216 8.44 4.33 -28.69
N ARG B 2 53.58 -14.47 -30.96
CA ARG B 2 53.60 -15.85 -30.46
C ARG B 2 52.38 -16.11 -29.56
N LYS B 3 52.33 -15.39 -28.40
CA LYS B 3 51.28 -15.47 -27.39
C LYS B 3 50.19 -14.42 -27.57
N GLU B 4 50.45 -13.37 -28.42
CA GLU B 4 49.48 -12.31 -28.76
C GLU B 4 48.32 -12.92 -29.57
N ARG B 5 48.60 -14.06 -30.28
CA ARG B 5 47.65 -14.88 -31.03
C ARG B 5 46.56 -15.26 -30.02
N GLU B 6 46.98 -15.95 -28.93
CA GLU B 6 46.17 -16.45 -27.83
C GLU B 6 45.47 -15.34 -27.04
N ARG B 7 46.17 -14.21 -26.83
CA ARG B 7 45.67 -13.01 -26.13
C ARG B 7 44.45 -12.45 -26.88
N LEU B 8 44.62 -12.18 -28.19
CA LEU B 8 43.59 -11.67 -29.09
C LEU B 8 42.46 -12.66 -29.25
N GLU B 9 42.80 -14.00 -29.42
CA GLU B 9 41.87 -15.12 -29.58
C GLU B 9 40.91 -15.19 -28.41
N GLU B 10 41.42 -14.99 -27.17
CA GLU B 10 40.66 -14.96 -25.91
C GLU B 10 39.69 -13.77 -25.91
N LYS B 11 40.22 -12.57 -26.26
CA LYS B 11 39.55 -11.28 -26.36
C LYS B 11 38.31 -11.36 -27.30
N LEU B 12 38.43 -12.20 -28.36
CA LEU B 12 37.42 -12.48 -29.37
C LEU B 12 36.32 -13.33 -28.81
N GLU B 13 36.69 -14.43 -28.11
CA GLU B 13 35.79 -15.41 -27.49
C GLU B 13 34.95 -14.75 -26.38
N ASP B 14 35.56 -13.85 -25.58
CA ASP B 14 34.87 -13.10 -24.51
C ASP B 14 33.85 -12.13 -25.09
N ALA B 15 34.26 -11.31 -26.09
CA ALA B 15 33.39 -10.37 -26.80
C ALA B 15 32.23 -11.12 -27.49
N ASN B 16 32.47 -12.37 -27.92
CA ASN B 16 31.48 -13.26 -28.53
C ASN B 16 30.49 -13.78 -27.46
N GLU B 17 31.04 -14.29 -26.32
CA GLU B 17 30.31 -14.79 -25.15
C GLU B 17 29.46 -13.67 -24.54
N ARG B 18 29.91 -12.42 -24.68
CA ARG B 18 29.16 -11.26 -24.20
C ARG B 18 27.88 -11.07 -25.00
N ILE B 19 27.99 -11.06 -26.33
CA ILE B 19 26.86 -10.94 -27.24
C ILE B 19 25.85 -12.05 -27.00
N ALA B 20 26.32 -13.30 -26.77
CA ALA B 20 25.49 -14.48 -26.48
C ALA B 20 24.48 -14.23 -25.34
N GLU B 21 24.99 -13.67 -24.21
CA GLU B 21 24.24 -13.32 -23.01
C GLU B 21 23.04 -12.43 -23.29
N LEU B 22 23.21 -11.45 -24.19
CA LEU B 22 22.15 -10.53 -24.63
C LEU B 22 21.07 -11.27 -25.40
N VAL B 23 21.50 -12.17 -26.34
CA VAL B 23 20.61 -13.00 -27.16
C VAL B 23 19.79 -13.89 -26.20
N LYS B 24 20.48 -14.54 -25.22
CA LYS B 24 19.90 -15.36 -24.17
C LYS B 24 18.83 -14.55 -23.46
N LEU B 25 19.25 -13.42 -22.88
CA LEU B 25 18.37 -12.51 -22.17
C LEU B 25 17.18 -12.00 -23.02
N GLU B 26 17.35 -11.86 -24.35
CA GLU B 26 16.31 -11.41 -25.30
C GLU B 26 15.23 -12.49 -25.47
N GLU B 27 15.68 -13.75 -25.59
CA GLU B 27 14.82 -14.94 -25.69
C GLU B 27 14.16 -15.16 -24.33
N ARG B 28 14.93 -15.02 -23.23
CA ARG B 28 14.43 -15.15 -21.85
C ARG B 28 13.28 -14.15 -21.61
N GLN B 29 13.45 -12.87 -22.03
CA GLN B 29 12.48 -11.79 -21.96
C GLN B 29 11.22 -12.24 -22.70
N ARG B 30 11.40 -12.93 -23.85
CA ARG B 30 10.28 -13.39 -24.67
C ARG B 30 9.47 -14.51 -23.99
N ILE B 31 10.18 -15.52 -23.49
CA ILE B 31 9.64 -16.70 -22.84
C ILE B 31 8.75 -16.31 -21.65
N ALA B 32 9.24 -15.36 -20.82
CA ALA B 32 8.53 -14.83 -19.66
C ALA B 32 7.19 -14.20 -20.09
N ARG B 33 7.20 -13.40 -21.19
CA ARG B 33 5.99 -12.80 -21.75
C ARG B 33 5.02 -13.91 -22.21
N ASP B 34 5.55 -14.97 -22.88
CA ASP B 34 4.70 -16.07 -23.33
C ASP B 34 4.16 -16.90 -22.19
N LEU B 35 4.87 -16.95 -21.05
CA LEU B 35 4.40 -17.65 -19.85
C LEU B 35 3.25 -16.93 -19.19
N GLU B 36 3.43 -15.63 -18.88
CA GLU B 36 2.41 -14.80 -18.23
C GLU B 36 1.11 -14.79 -19.01
N ASP B 37 1.22 -14.92 -20.36
CA ASP B 37 0.05 -14.99 -21.22
C ASP B 37 -0.51 -16.40 -21.28
N THR B 38 0.34 -17.46 -21.27
CA THR B 38 -0.24 -18.81 -21.26
C THR B 38 -0.52 -19.23 -19.81
N LEU B 39 0.49 -19.82 -19.12
CA LEU B 39 0.45 -20.32 -17.74
C LEU B 39 -0.35 -19.50 -16.78
N GLY B 40 -0.14 -18.18 -16.73
CA GLY B 40 -0.83 -17.29 -15.80
C GLY B 40 -2.35 -17.38 -15.87
N GLN B 41 -2.88 -17.15 -17.07
CA GLN B 41 -4.32 -17.20 -17.37
C GLN B 41 -4.90 -18.57 -17.07
N LYS B 42 -4.11 -19.61 -17.41
CA LYS B 42 -4.53 -21.00 -17.23
C LYS B 42 -4.54 -21.40 -15.75
N LEU B 43 -3.49 -21.01 -14.99
CA LEU B 43 -3.42 -21.29 -13.55
C LEU B 43 -4.50 -20.52 -12.80
N SER B 44 -4.77 -19.26 -13.22
CA SER B 44 -5.81 -18.44 -12.62
C SER B 44 -7.18 -19.09 -12.87
N LEU B 45 -7.38 -19.60 -14.09
CA LEU B 45 -8.62 -20.25 -14.50
C LEU B 45 -8.85 -21.51 -13.71
N ILE B 46 -7.77 -22.33 -13.50
CA ILE B 46 -7.82 -23.57 -12.71
C ILE B 46 -8.38 -23.28 -11.33
N GLY B 47 -7.75 -22.37 -10.60
CA GLY B 47 -8.19 -21.97 -9.28
C GLY B 47 -9.66 -21.61 -9.21
N LEU B 48 -10.09 -20.67 -10.08
CA LEU B 48 -11.49 -20.23 -10.15
C LEU B 48 -12.45 -21.37 -10.41
N LYS B 49 -12.16 -22.20 -11.44
CA LYS B 49 -13.03 -23.32 -11.77
C LYS B 49 -13.06 -24.39 -10.65
N SER B 50 -11.93 -24.57 -9.92
CA SER B 50 -11.81 -25.52 -8.81
C SER B 50 -12.69 -25.05 -7.67
N ASP B 51 -12.66 -23.72 -7.39
CA ASP B 51 -13.45 -23.02 -6.38
C ASP B 51 -14.94 -23.26 -6.69
N LEU B 52 -15.35 -22.90 -7.92
CA LEU B 52 -16.70 -23.09 -8.43
C LEU B 52 -17.15 -24.55 -8.34
N ALA B 53 -16.33 -25.50 -8.81
CA ALA B 53 -16.64 -26.93 -8.75
C ALA B 53 -16.97 -27.37 -7.32
N ARG B 54 -16.14 -26.96 -6.34
CA ARG B 54 -16.33 -27.26 -4.92
C ARG B 54 -17.62 -26.67 -4.39
N LYS B 55 -17.95 -25.45 -4.82
CA LYS B 55 -19.16 -24.72 -4.42
C LYS B 55 -20.42 -25.34 -5.03
N LEU B 56 -20.30 -26.23 -6.06
CA LEU B 56 -21.45 -26.88 -6.71
C LEU B 56 -21.57 -28.39 -6.48
N ILE B 57 -20.66 -29.01 -5.68
CA ILE B 57 -20.68 -30.44 -5.33
C ILE B 57 -22.09 -30.93 -5.05
N TYR B 58 -22.79 -30.21 -4.15
CA TYR B 58 -24.16 -30.56 -3.76
C TYR B 58 -25.20 -29.82 -4.55
N LYS B 59 -24.99 -28.52 -4.83
CA LYS B 59 -26.00 -27.74 -5.56
C LYS B 59 -26.28 -28.29 -6.99
N ASP B 60 -25.22 -28.44 -7.81
CA ASP B 60 -25.27 -28.98 -9.17
C ASP B 60 -24.01 -29.78 -9.48
N PRO B 61 -24.01 -31.07 -9.06
CA PRO B 61 -22.83 -31.93 -9.28
C PRO B 61 -22.46 -32.14 -10.75
N GLU B 62 -23.46 -32.06 -11.65
CA GLU B 62 -23.31 -32.21 -13.09
C GLU B 62 -22.42 -31.10 -13.61
N GLN B 63 -22.64 -29.84 -13.13
CA GLN B 63 -21.83 -28.68 -13.51
C GLN B 63 -20.44 -28.76 -12.91
N ALA B 64 -20.35 -29.16 -11.61
CA ALA B 64 -19.07 -29.33 -10.92
C ALA B 64 -18.19 -30.31 -11.73
N ALA B 65 -18.77 -31.45 -12.20
CA ALA B 65 -18.11 -32.44 -13.04
C ALA B 65 -17.63 -31.82 -14.35
N ARG B 66 -18.49 -31.02 -15.02
CA ARG B 66 -18.18 -30.29 -16.26
C ARG B 66 -16.96 -29.37 -16.04
N GLU B 67 -16.99 -28.60 -14.94
CA GLU B 67 -15.91 -27.67 -14.56
C GLU B 67 -14.60 -28.41 -14.30
N LEU B 68 -14.67 -29.56 -13.58
CA LEU B 68 -13.52 -30.44 -13.23
C LEU B 68 -12.88 -31.10 -14.44
N LYS B 69 -13.64 -31.21 -15.52
CA LYS B 69 -13.15 -31.76 -16.76
C LYS B 69 -12.26 -30.69 -17.43
N SER B 70 -12.72 -29.40 -17.41
CA SER B 70 -11.99 -28.25 -17.95
C SER B 70 -10.72 -28.05 -17.15
N VAL B 71 -10.83 -28.15 -15.80
CA VAL B 71 -9.69 -28.05 -14.88
C VAL B 71 -8.62 -29.11 -15.22
N GLN B 72 -9.00 -30.37 -15.44
CA GLN B 72 -8.06 -31.43 -15.77
C GLN B 72 -7.46 -31.21 -17.18
N GLN B 73 -8.29 -30.71 -18.12
CA GLN B 73 -7.89 -30.45 -19.49
C GLN B 73 -6.88 -29.28 -19.57
N THR B 74 -7.19 -28.13 -18.97
CA THR B 74 -6.30 -26.96 -19.03
C THR B 74 -4.97 -27.28 -18.38
N ALA B 75 -4.95 -28.15 -17.36
CA ALA B 75 -3.74 -28.60 -16.68
C ALA B 75 -2.88 -29.48 -17.60
N ARG B 76 -3.51 -30.42 -18.34
CA ARG B 76 -2.80 -31.30 -19.26
C ARG B 76 -2.22 -30.50 -20.36
N THR B 77 -2.96 -29.51 -20.89
CA THR B 77 -2.43 -28.67 -21.98
C THR B 77 -1.35 -27.78 -21.48
N SER B 78 -1.55 -27.09 -20.35
CA SER B 78 -0.51 -26.23 -19.78
C SER B 78 0.82 -26.92 -19.56
N LEU B 79 0.81 -28.19 -19.09
CA LEU B 79 2.01 -29.00 -18.94
C LEU B 79 2.55 -29.31 -20.32
N ASN B 80 1.66 -29.63 -21.28
CA ASN B 80 2.03 -29.87 -22.67
C ASN B 80 2.67 -28.58 -23.32
N GLU B 81 2.16 -27.37 -22.94
CA GLU B 81 2.62 -26.06 -23.40
C GLU B 81 4.00 -25.69 -22.88
N VAL B 82 4.34 -26.19 -21.65
CA VAL B 82 5.66 -26.01 -21.01
C VAL B 82 6.68 -26.93 -21.72
N ARG B 83 6.21 -28.02 -22.30
CA ARG B 83 7.05 -28.94 -23.07
C ARG B 83 7.27 -28.35 -24.48
N LYS B 84 6.32 -27.49 -24.92
CA LYS B 84 6.27 -26.80 -26.22
C LYS B 84 6.97 -25.43 -26.22
N ILE B 85 8.14 -25.38 -25.56
CA ILE B 85 9.05 -24.24 -25.48
C ILE B 85 10.25 -24.72 -26.33
N VAL B 86 10.37 -26.04 -26.42
CA VAL B 86 11.34 -26.82 -27.20
C VAL B 86 10.51 -27.71 -28.17
N SER B 87 11.11 -28.18 -29.31
CA SER B 87 10.53 -29.09 -30.33
C SER B 87 9.88 -30.35 -29.68
N GLY B 91 14.44 -32.92 -30.53
CA GLY B 91 14.70 -33.02 -29.09
C GLY B 91 15.75 -34.05 -28.68
N ILE B 92 16.37 -33.89 -27.47
CA ILE B 92 17.40 -34.82 -27.03
C ILE B 92 17.10 -35.38 -25.59
N ARG B 93 16.95 -36.72 -25.58
CA ARG B 93 16.79 -37.75 -24.56
C ARG B 93 18.19 -38.27 -24.08
N LEU B 94 19.19 -38.41 -24.99
CA LEU B 94 20.55 -38.75 -24.61
C LEU B 94 21.13 -37.69 -23.63
N LYS B 95 20.74 -36.39 -23.74
CA LYS B 95 21.14 -35.36 -22.75
C LYS B 95 20.55 -35.61 -21.37
N ASP B 96 19.37 -36.22 -21.32
CA ASP B 96 18.76 -36.58 -20.05
C ASP B 96 19.43 -37.79 -19.43
N GLU B 97 19.86 -38.74 -20.29
CA GLU B 97 20.58 -39.92 -19.80
C GLU B 97 21.94 -39.52 -19.25
N LEU B 98 22.58 -38.53 -19.87
CA LEU B 98 23.87 -37.98 -19.45
C LEU B 98 23.74 -37.51 -17.99
N ILE B 99 22.63 -36.83 -17.65
CA ILE B 99 22.38 -36.33 -16.28
C ILE B 99 22.25 -37.50 -15.33
N ASN B 100 21.50 -38.54 -15.73
CA ASN B 100 21.29 -39.73 -14.90
C ASN B 100 22.62 -40.41 -14.57
N ILE B 101 23.49 -40.58 -15.59
CA ILE B 101 24.74 -41.29 -15.36
C ILE B 101 25.73 -40.48 -14.53
N LYS B 102 25.70 -39.14 -14.64
CA LYS B 102 26.54 -38.29 -13.80
C LYS B 102 26.15 -38.49 -12.32
N GLN B 103 24.84 -38.49 -12.02
CA GLN B 103 24.31 -38.70 -10.67
C GLN B 103 24.71 -40.07 -10.12
N ILE B 104 24.56 -41.12 -10.95
CA ILE B 104 24.85 -42.51 -10.58
C ILE B 104 26.32 -42.71 -10.29
N LEU B 105 27.18 -42.19 -11.15
CA LEU B 105 28.63 -42.32 -10.96
C LEU B 105 29.13 -41.54 -9.73
N GLU B 106 28.62 -40.30 -9.52
CA GLU B 106 28.97 -39.51 -8.36
C GLU B 106 28.53 -40.22 -7.06
N ALA B 107 27.31 -40.79 -7.07
CA ALA B 107 26.79 -41.50 -5.90
C ALA B 107 27.64 -42.72 -5.57
N ALA B 108 28.29 -43.30 -6.60
CA ALA B 108 29.15 -44.48 -6.48
C ALA B 108 30.63 -44.13 -6.24
N ASP B 109 30.96 -42.84 -6.07
CA ASP B 109 32.34 -42.36 -5.88
C ASP B 109 33.27 -42.74 -7.04
N ILE B 110 32.75 -42.67 -8.27
CA ILE B 110 33.48 -42.92 -9.49
C ILE B 110 33.55 -41.60 -10.26
N MET B 111 34.78 -41.16 -10.57
CA MET B 111 35.04 -39.93 -11.30
C MET B 111 34.48 -40.09 -12.70
N PHE B 112 33.67 -39.13 -13.15
CA PHE B 112 33.04 -39.15 -14.46
C PHE B 112 33.74 -38.17 -15.36
N ILE B 113 34.26 -38.68 -16.48
CA ILE B 113 35.02 -37.88 -17.43
C ILE B 113 34.24 -37.86 -18.73
N TYR B 114 33.75 -36.67 -19.09
CA TYR B 114 32.99 -36.50 -20.31
C TYR B 114 33.08 -35.04 -20.75
N GLU B 115 32.50 -34.73 -21.91
CA GLU B 115 32.46 -33.37 -22.44
C GLU B 115 31.09 -33.11 -23.00
N GLU B 116 30.32 -32.21 -22.34
CA GLU B 116 28.95 -31.91 -22.73
C GLU B 116 28.80 -31.42 -24.18
N GLU B 117 29.80 -30.68 -24.72
CA GLU B 117 29.81 -30.08 -26.06
C GLU B 117 29.79 -31.08 -27.22
N LYS B 118 30.61 -32.14 -27.15
CA LYS B 118 30.70 -33.10 -28.24
C LYS B 118 29.42 -33.86 -28.56
N TRP B 119 28.43 -33.90 -27.66
CA TRP B 119 27.18 -34.66 -27.80
C TRP B 119 26.47 -34.45 -29.14
N PRO B 120 26.24 -35.54 -29.90
CA PRO B 120 25.63 -35.39 -31.24
C PRO B 120 24.21 -34.86 -31.20
N GLU B 121 23.95 -33.80 -31.97
CA GLU B 121 22.59 -33.26 -31.95
C GLU B 121 21.72 -33.93 -32.97
N ASN B 122 22.31 -34.57 -34.00
CA ASN B 122 21.43 -35.30 -34.92
C ASN B 122 21.65 -36.79 -34.95
N ILE B 123 20.57 -37.52 -34.67
CA ILE B 123 20.37 -38.97 -34.67
C ILE B 123 18.85 -39.09 -34.66
N SER B 124 18.27 -40.14 -35.26
CA SER B 124 16.81 -40.36 -35.21
C SER B 124 16.42 -40.52 -33.76
N LEU B 125 15.19 -40.18 -33.43
CA LEU B 125 14.71 -40.29 -32.06
C LEU B 125 14.76 -41.75 -31.60
N LEU B 126 14.47 -42.70 -32.51
CA LEU B 126 14.60 -44.10 -32.16
C LEU B 126 16.04 -44.48 -31.78
N ASN B 127 17.01 -44.14 -32.64
CA ASN B 127 18.41 -44.52 -32.43
C ASN B 127 18.98 -43.80 -31.23
N GLU B 128 18.47 -42.59 -30.95
CA GLU B 128 18.86 -41.82 -29.76
C GLU B 128 18.38 -42.57 -28.52
N ASN B 129 17.13 -43.04 -28.53
CA ASN B 129 16.57 -43.80 -27.42
C ASN B 129 17.31 -45.13 -27.20
N ILE B 130 17.76 -45.80 -28.28
CA ILE B 130 18.51 -47.05 -28.16
C ILE B 130 19.85 -46.75 -27.48
N LEU B 131 20.54 -45.69 -27.92
CA LEU B 131 21.81 -45.29 -27.35
C LEU B 131 21.69 -44.93 -25.89
N SER B 132 20.57 -44.24 -25.49
CA SER B 132 20.31 -43.87 -24.09
C SER B 132 20.26 -45.12 -23.23
N MET B 133 19.53 -46.14 -23.70
CA MET B 133 19.35 -47.41 -23.02
C MET B 133 20.69 -48.11 -22.84
N CYS B 134 21.52 -48.11 -23.90
CA CYS B 134 22.83 -48.75 -23.88
C CYS B 134 23.80 -47.99 -23.01
N LEU B 135 23.74 -46.66 -23.05
CA LEU B 135 24.60 -45.83 -22.21
C LEU B 135 24.28 -46.14 -20.71
N LYS B 136 22.97 -46.21 -20.36
CA LYS B 136 22.53 -46.52 -19.00
C LYS B 136 23.11 -47.84 -18.55
N GLU B 137 22.97 -48.87 -19.39
CA GLU B 137 23.47 -50.21 -19.05
C GLU B 137 24.99 -50.29 -18.89
N ALA B 138 25.73 -49.65 -19.79
CA ALA B 138 27.20 -49.64 -19.75
C ALA B 138 27.64 -49.07 -18.40
N VAL B 139 26.99 -47.98 -17.95
CA VAL B 139 27.31 -47.34 -16.68
C VAL B 139 26.82 -48.15 -15.48
N THR B 140 25.63 -48.80 -15.57
CA THR B 140 25.14 -49.70 -14.51
C THR B 140 26.20 -50.79 -14.31
N ASN B 141 26.79 -51.30 -15.40
CA ASN B 141 27.81 -52.34 -15.32
C ASN B 141 29.07 -51.83 -14.64
N VAL B 142 29.46 -50.60 -14.94
CA VAL B 142 30.62 -49.99 -14.30
C VAL B 142 30.37 -49.95 -12.79
N VAL B 143 29.22 -49.43 -12.38
CA VAL B 143 28.89 -49.27 -10.96
C VAL B 143 28.82 -50.62 -10.21
N LYS B 144 28.14 -51.62 -10.81
CA LYS B 144 27.89 -52.92 -10.19
C LYS B 144 29.09 -53.82 -10.14
N HIS B 145 29.95 -53.77 -11.16
CA HIS B 145 31.02 -54.76 -11.30
C HIS B 145 32.46 -54.29 -11.32
N SER B 146 32.76 -53.12 -11.84
CA SER B 146 34.14 -52.76 -12.16
C SER B 146 35.10 -52.54 -11.00
N GLN B 147 34.59 -51.92 -9.93
CA GLN B 147 35.34 -51.41 -8.78
C GLN B 147 36.29 -50.28 -9.29
N ALA B 148 35.89 -49.60 -10.38
CA ALA B 148 36.63 -48.50 -10.99
C ALA B 148 36.66 -47.28 -10.08
N LYS B 149 37.64 -46.41 -10.30
CA LYS B 149 37.75 -45.11 -9.63
C LYS B 149 37.38 -44.02 -10.66
N THR B 150 37.46 -44.35 -11.98
CA THR B 150 37.20 -43.45 -13.11
C THR B 150 36.35 -44.12 -14.19
N CYS B 151 35.46 -43.34 -14.82
CA CYS B 151 34.64 -43.76 -15.95
C CYS B 151 34.62 -42.68 -16.99
N ARG B 152 35.03 -43.04 -18.21
CA ARG B 152 35.10 -42.10 -19.32
C ARG B 152 34.04 -42.41 -20.37
N VAL B 153 33.25 -41.39 -20.71
CA VAL B 153 32.22 -41.51 -21.75
C VAL B 153 32.55 -40.56 -22.91
N ASP B 154 32.66 -41.12 -24.11
CA ASP B 154 32.93 -40.37 -25.33
C ASP B 154 31.75 -40.59 -26.28
N ILE B 155 31.32 -39.53 -26.95
CA ILE B 155 30.19 -39.55 -27.87
C ILE B 155 30.66 -38.76 -29.10
N GLN B 156 30.78 -39.47 -30.21
CA GLN B 156 31.31 -38.84 -31.43
C GLN B 156 30.50 -39.20 -32.69
N GLN B 157 30.37 -38.18 -33.61
CA GLN B 157 29.71 -38.29 -34.91
C GLN B 157 30.84 -38.63 -35.88
N LEU B 158 30.96 -39.92 -36.25
CA LEU B 158 32.06 -40.34 -37.12
C LEU B 158 31.47 -40.94 -38.34
N TRP B 159 31.62 -40.22 -39.47
CA TRP B 159 31.15 -40.61 -40.79
C TRP B 159 29.63 -40.81 -40.74
N LYS B 160 29.13 -42.03 -40.99
CA LYS B 160 27.69 -42.30 -40.95
C LYS B 160 27.23 -43.03 -39.68
N GLU B 161 27.96 -42.87 -38.57
CA GLU B 161 27.61 -43.49 -37.30
C GLU B 161 27.72 -42.54 -36.17
N VAL B 162 27.00 -42.85 -35.08
CA VAL B 162 27.21 -42.22 -33.80
C VAL B 162 27.90 -43.31 -33.03
N VAL B 163 29.08 -43.01 -32.47
CA VAL B 163 29.87 -43.94 -31.70
C VAL B 163 29.95 -43.50 -30.23
N ILE B 164 29.56 -44.37 -29.30
CA ILE B 164 29.68 -44.08 -27.87
C ILE B 164 30.67 -45.06 -27.28
N THR B 165 31.65 -44.55 -26.53
CA THR B 165 32.59 -45.42 -25.82
C THR B 165 32.43 -45.17 -24.32
N VAL B 166 32.37 -46.25 -23.55
CA VAL B 166 32.30 -46.18 -22.11
C VAL B 166 33.47 -47.02 -21.62
N SER B 167 34.42 -46.36 -20.98
CA SER B 167 35.59 -47.03 -20.47
C SER B 167 35.70 -46.80 -18.97
N ASP B 168 36.29 -47.77 -18.27
CA ASP B 168 36.53 -47.68 -16.86
C ASP B 168 37.87 -48.33 -16.53
N ASP B 169 38.45 -47.91 -15.41
CA ASP B 169 39.75 -48.34 -14.94
C ASP B 169 39.70 -49.40 -13.83
N GLY B 170 38.59 -50.14 -13.78
CA GLY B 170 38.46 -51.23 -12.82
C GLY B 170 38.99 -52.52 -13.42
N THR B 171 38.41 -53.66 -13.02
CA THR B 171 38.81 -54.96 -13.56
C THR B 171 37.58 -55.69 -14.06
N PHE B 172 37.70 -56.29 -15.25
CA PHE B 172 36.61 -57.04 -15.84
C PHE B 172 36.37 -58.32 -15.07
N LYS B 173 35.10 -58.61 -14.75
CA LYS B 173 34.74 -59.74 -13.89
C LYS B 173 34.11 -60.93 -14.60
N GLY B 174 33.85 -60.80 -15.89
CA GLY B 174 33.19 -61.85 -16.65
C GLY B 174 34.09 -62.96 -17.13
N GLU B 175 33.46 -64.05 -17.57
CA GLU B 175 34.17 -65.22 -18.11
C GLU B 175 34.46 -65.00 -19.59
N SER B 180 25.48 -63.45 -22.11
CA SER B 180 24.46 -64.47 -21.86
C SER B 180 23.08 -63.94 -22.09
N LYS B 181 22.16 -64.85 -22.47
CA LYS B 181 20.75 -64.55 -22.71
C LYS B 181 20.14 -63.90 -21.47
N GLY B 182 19.37 -62.84 -21.72
CA GLY B 182 18.64 -62.07 -20.72
C GLY B 182 19.44 -61.06 -19.93
N HIS B 183 20.68 -60.81 -20.33
CA HIS B 183 21.53 -59.87 -19.61
C HIS B 183 22.04 -58.78 -20.53
N GLY B 184 22.57 -57.73 -19.93
CA GLY B 184 22.97 -56.51 -20.60
C GLY B 184 23.93 -56.53 -21.75
N LEU B 185 25.05 -57.27 -21.63
CA LEU B 185 26.02 -57.26 -22.73
C LEU B 185 25.44 -57.82 -24.04
N LEU B 186 24.81 -59.00 -23.96
CA LEU B 186 24.19 -59.59 -25.12
C LEU B 186 22.96 -58.78 -25.52
N GLY B 187 22.22 -58.29 -24.53
CA GLY B 187 21.05 -57.44 -24.75
C GLY B 187 21.36 -56.21 -25.58
N MET B 188 22.43 -55.48 -25.19
CA MET B 188 22.84 -54.29 -25.89
C MET B 188 23.28 -54.65 -27.29
N ARG B 189 24.08 -55.73 -27.44
CA ARG B 189 24.57 -56.14 -28.75
C ARG B 189 23.41 -56.48 -29.69
N GLU B 190 22.45 -57.28 -29.21
CA GLU B 190 21.29 -57.68 -30.01
C GLU B 190 20.48 -56.49 -30.44
N ARG B 191 20.20 -55.55 -29.48
CA ARG B 191 19.40 -54.37 -29.81
C ARG B 191 20.11 -53.49 -30.80
N LEU B 192 21.42 -53.27 -30.61
CA LEU B 192 22.21 -52.47 -31.53
C LEU B 192 22.30 -53.11 -32.91
N GLU B 193 22.56 -54.42 -32.97
CA GLU B 193 22.68 -55.13 -34.24
C GLU B 193 21.38 -55.13 -35.04
N PHE B 194 20.23 -55.17 -34.34
CA PHE B 194 18.93 -55.11 -34.98
C PHE B 194 18.74 -53.76 -35.68
N ALA B 195 19.35 -52.71 -35.10
CA ALA B 195 19.36 -51.33 -35.62
C ALA B 195 20.51 -51.09 -36.64
N ASN B 196 21.19 -52.18 -37.06
CA ASN B 196 22.33 -52.19 -37.99
C ASN B 196 23.55 -51.47 -37.37
N GLY B 197 23.60 -51.54 -36.05
CA GLY B 197 24.71 -51.05 -35.25
C GLY B 197 25.58 -52.19 -34.78
N SER B 198 26.43 -51.91 -33.80
CA SER B 198 27.42 -52.86 -33.28
C SER B 198 27.80 -52.56 -31.85
N LEU B 199 28.33 -53.57 -31.17
CA LEU B 199 28.88 -53.45 -29.83
C LEU B 199 30.17 -54.25 -29.82
N HIS B 200 31.26 -53.60 -29.43
CA HIS B 200 32.55 -54.24 -29.24
C HIS B 200 33.04 -53.99 -27.83
N ILE B 201 33.80 -54.94 -27.31
CA ILE B 201 34.33 -54.87 -25.95
C ILE B 201 35.83 -55.16 -25.90
N ASP B 202 36.54 -54.40 -25.06
CA ASP B 202 37.95 -54.60 -24.77
C ASP B 202 38.09 -54.66 -23.26
N THR B 203 38.61 -55.78 -22.75
CA THR B 203 38.70 -56.03 -21.31
C THR B 203 40.12 -56.13 -20.79
N GLU B 204 41.07 -55.56 -21.53
CA GLU B 204 42.45 -55.57 -21.11
C GLU B 204 42.67 -54.63 -19.91
N ASN B 205 42.72 -53.30 -20.15
CA ASN B 205 42.97 -52.30 -19.09
C ASN B 205 41.67 -51.74 -18.50
N GLY B 206 41.00 -52.59 -17.76
CA GLY B 206 39.67 -52.32 -17.27
C GLY B 206 38.73 -52.84 -18.33
N THR B 207 37.63 -52.11 -18.58
CA THR B 207 36.61 -52.52 -19.55
C THR B 207 36.24 -51.34 -20.39
N LYS B 208 36.24 -51.54 -21.71
CA LYS B 208 35.83 -50.51 -22.65
C LYS B 208 34.86 -51.07 -23.66
N LEU B 209 33.67 -50.45 -23.72
CA LEU B 209 32.59 -50.78 -24.63
C LEU B 209 32.53 -49.75 -25.70
N THR B 210 32.49 -50.19 -26.96
CA THR B 210 32.33 -49.30 -28.11
C THR B 210 31.01 -49.65 -28.78
N MET B 211 30.05 -48.73 -28.76
CA MET B 211 28.74 -48.99 -29.31
C MET B 211 28.54 -48.01 -30.44
N ALA B 212 28.06 -48.48 -31.59
CA ALA B 212 27.84 -47.64 -32.78
C ALA B 212 26.46 -47.91 -33.32
N ILE B 213 25.85 -46.87 -33.87
CA ILE B 213 24.55 -46.97 -34.48
C ILE B 213 24.55 -46.05 -35.69
N PRO B 214 23.86 -46.45 -36.78
CA PRO B 214 23.79 -45.58 -37.96
C PRO B 214 23.14 -44.23 -37.67
N ASN B 215 23.61 -43.23 -38.42
CA ASN B 215 23.11 -41.88 -38.43
C ASN B 215 23.49 -41.23 -39.76
N SER C 4 -30.08 -3.49 -1.24
CA SER C 4 -30.23 -4.87 -0.77
C SER C 4 -29.27 -5.85 -1.51
N MET C 5 -29.41 -5.85 -2.84
CA MET C 5 -28.67 -6.64 -3.80
C MET C 5 -27.67 -5.77 -4.53
N ILE C 6 -26.38 -6.16 -4.47
CA ILE C 6 -25.30 -5.44 -5.13
C ILE C 6 -25.27 -5.84 -6.59
N SER C 7 -25.40 -4.84 -7.49
CA SER C 7 -25.35 -5.00 -8.94
C SER C 7 -23.90 -4.89 -9.38
N ILE C 8 -23.46 -5.89 -10.15
CA ILE C 8 -22.09 -6.00 -10.63
C ILE C 8 -22.02 -6.10 -12.15
N PHE C 9 -21.09 -5.36 -12.73
CA PHE C 9 -20.74 -5.51 -14.14
C PHE C 9 -19.32 -6.13 -14.14
N ILE C 10 -19.07 -7.13 -15.01
CA ILE C 10 -17.75 -7.76 -15.10
C ILE C 10 -17.15 -7.51 -16.47
N ALA C 11 -15.98 -6.91 -16.53
CA ALA C 11 -15.24 -6.70 -17.77
C ALA C 11 -13.99 -7.61 -17.71
N GLU C 12 -13.93 -8.62 -18.60
CA GLU C 12 -12.85 -9.60 -18.69
C GLU C 12 -12.83 -10.13 -20.10
N ASP C 13 -11.70 -9.98 -20.80
CA ASP C 13 -11.60 -10.37 -22.21
C ASP C 13 -11.57 -11.89 -22.43
N GLN C 14 -11.05 -12.66 -21.46
CA GLN C 14 -10.98 -14.11 -21.51
C GLN C 14 -12.31 -14.69 -21.04
N GLN C 15 -13.11 -15.12 -22.02
CA GLN C 15 -14.47 -15.64 -21.89
C GLN C 15 -14.65 -16.72 -20.80
N MET C 16 -13.69 -17.67 -20.70
CA MET C 16 -13.73 -18.76 -19.72
C MET C 16 -13.70 -18.20 -18.32
N LEU C 17 -12.83 -17.22 -18.10
CA LEU C 17 -12.64 -16.53 -16.81
C LEU C 17 -13.84 -15.64 -16.52
N LEU C 18 -14.36 -14.93 -17.56
CA LEU C 18 -15.52 -14.02 -17.48
C LEU C 18 -16.73 -14.79 -16.95
N GLY C 19 -16.98 -15.95 -17.58
CA GLY C 19 -18.06 -16.87 -17.23
C GLY C 19 -17.89 -17.42 -15.83
N ALA C 20 -16.66 -17.88 -15.48
CA ALA C 20 -16.33 -18.42 -14.14
C ALA C 20 -16.53 -17.39 -13.03
N LEU C 21 -16.13 -16.12 -13.26
CA LEU C 21 -16.30 -15.02 -12.30
C LEU C 21 -17.78 -14.71 -12.05
N GLY C 22 -18.58 -14.67 -13.11
CA GLY C 22 -20.02 -14.41 -13.06
C GLY C 22 -20.72 -15.47 -12.24
N SER C 23 -20.32 -16.73 -12.49
CA SER C 23 -20.85 -17.92 -11.80
C SER C 23 -20.47 -17.91 -10.33
N LEU C 24 -19.24 -17.50 -10.04
CA LEU C 24 -18.75 -17.44 -8.68
C LEU C 24 -19.45 -16.39 -7.84
N LEU C 25 -19.74 -15.22 -8.46
CA LEU C 25 -20.42 -14.09 -7.81
C LEU C 25 -21.94 -14.25 -7.73
N ASN C 26 -22.58 -14.92 -8.71
CA ASN C 26 -24.03 -15.19 -8.67
C ASN C 26 -24.42 -16.19 -7.58
N LEU C 27 -23.41 -16.84 -6.97
CA LEU C 27 -23.59 -17.77 -5.88
C LEU C 27 -23.86 -17.07 -4.57
N GLU C 28 -23.49 -15.75 -4.48
CA GLU C 28 -23.77 -14.87 -3.33
C GLU C 28 -25.23 -14.41 -3.31
N ASP C 29 -25.84 -14.42 -2.11
CA ASP C 29 -27.22 -14.06 -1.89
C ASP C 29 -27.52 -12.57 -2.05
N ASP C 30 -26.53 -11.74 -1.73
CA ASP C 30 -26.63 -10.27 -1.74
C ASP C 30 -25.96 -9.63 -2.96
N MET C 31 -25.68 -10.42 -3.99
CA MET C 31 -25.01 -9.95 -5.20
C MET C 31 -25.70 -10.45 -6.44
N GLU C 32 -25.48 -9.73 -7.57
CA GLU C 32 -26.10 -10.00 -8.86
C GLU C 32 -25.24 -9.44 -9.99
N VAL C 33 -24.90 -10.28 -10.96
CA VAL C 33 -24.15 -9.86 -12.13
C VAL C 33 -25.19 -9.36 -13.14
N VAL C 34 -25.22 -8.04 -13.39
CA VAL C 34 -26.20 -7.38 -14.25
C VAL C 34 -25.75 -7.23 -15.71
N GLY C 35 -24.46 -7.41 -15.94
CA GLY C 35 -23.89 -7.34 -17.29
C GLY C 35 -22.49 -7.89 -17.32
N LYS C 36 -22.06 -8.37 -18.50
CA LYS C 36 -20.72 -8.91 -18.75
C LYS C 36 -20.17 -8.28 -20.03
N GLY C 37 -18.88 -7.97 -20.03
CA GLY C 37 -18.16 -7.36 -21.14
C GLY C 37 -16.77 -7.93 -21.33
N THR C 38 -16.19 -7.73 -22.52
CA THR C 38 -14.84 -8.24 -22.85
C THR C 38 -13.82 -7.14 -23.17
N THR C 39 -14.26 -5.87 -23.17
CA THR C 39 -13.38 -4.72 -23.46
C THR C 39 -13.61 -3.60 -22.47
N GLY C 40 -12.70 -2.63 -22.43
CA GLY C 40 -12.79 -1.44 -21.58
C GLY C 40 -13.98 -0.57 -21.96
N GLN C 41 -14.27 -0.48 -23.28
CA GLN C 41 -15.39 0.29 -23.83
C GLN C 41 -16.73 -0.29 -23.36
N ASP C 42 -16.85 -1.65 -23.33
CA ASP C 42 -18.04 -2.36 -22.87
C ASP C 42 -18.37 -1.91 -21.44
N ALA C 43 -17.31 -1.73 -20.61
CA ALA C 43 -17.38 -1.26 -19.23
C ALA C 43 -17.82 0.19 -19.14
N VAL C 44 -17.19 1.09 -19.92
CA VAL C 44 -17.54 2.51 -19.95
C VAL C 44 -19.01 2.70 -20.37
N ASP C 45 -19.42 2.03 -21.48
CA ASP C 45 -20.78 2.09 -22.01
C ASP C 45 -21.84 1.62 -21.00
N PHE C 46 -21.64 0.42 -20.40
CA PHE C 46 -22.60 -0.14 -19.44
C PHE C 46 -22.71 0.70 -18.17
N VAL C 47 -21.57 1.08 -17.58
CA VAL C 47 -21.50 1.82 -16.31
C VAL C 47 -22.14 3.22 -16.42
N LYS C 48 -21.85 3.96 -17.50
CA LYS C 48 -22.43 5.29 -17.71
C LYS C 48 -23.96 5.19 -17.95
N LYS C 49 -24.41 4.13 -18.67
CA LYS C 49 -25.83 3.92 -19.02
C LYS C 49 -26.67 3.22 -17.94
N ARG C 50 -26.25 2.03 -17.47
CA ARG C 50 -26.97 1.19 -16.51
C ARG C 50 -26.64 1.45 -15.03
N GLN C 51 -25.53 2.13 -14.77
CA GLN C 51 -25.06 2.53 -13.44
C GLN C 51 -25.08 1.40 -12.37
N PRO C 52 -24.30 0.30 -12.55
CA PRO C 52 -24.25 -0.74 -11.50
C PRO C 52 -23.47 -0.22 -10.30
N ASP C 53 -23.71 -0.79 -9.12
CA ASP C 53 -22.99 -0.41 -7.90
C ASP C 53 -21.49 -0.61 -8.06
N VAL C 54 -21.12 -1.77 -8.60
CA VAL C 54 -19.72 -2.21 -8.74
C VAL C 54 -19.39 -2.65 -10.17
N CYS C 55 -18.15 -2.38 -10.58
CA CYS C 55 -17.58 -2.84 -11.83
C CYS C 55 -16.29 -3.61 -11.52
N ILE C 56 -16.24 -4.91 -11.91
CA ILE C 56 -15.08 -5.79 -11.75
C ILE C 56 -14.38 -5.65 -13.08
N MET C 57 -13.19 -5.10 -13.03
CA MET C 57 -12.43 -4.70 -14.19
C MET C 57 -11.09 -5.40 -14.34
N ASP C 58 -10.94 -6.09 -15.45
CA ASP C 58 -9.66 -6.68 -15.83
C ASP C 58 -8.81 -5.52 -16.38
N ILE C 59 -7.46 -5.60 -16.33
CA ILE C 59 -6.65 -4.51 -16.88
C ILE C 59 -6.47 -4.71 -18.39
N GLU C 60 -5.69 -5.72 -18.75
CA GLU C 60 -5.35 -5.95 -20.14
C GLU C 60 -6.48 -6.60 -20.92
N MET C 61 -7.15 -5.76 -21.73
CA MET C 61 -8.25 -6.13 -22.59
C MET C 61 -8.01 -5.42 -23.89
N PRO C 62 -8.50 -5.91 -25.05
CA PRO C 62 -8.30 -5.18 -26.30
C PRO C 62 -9.14 -3.91 -26.39
N GLY C 63 -8.65 -2.94 -27.16
CA GLY C 63 -9.31 -1.65 -27.39
C GLY C 63 -8.96 -0.63 -26.34
N LYS C 64 -9.58 -0.75 -25.17
CA LYS C 64 -9.33 0.10 -24.01
C LYS C 64 -9.07 -0.80 -22.84
N THR C 65 -7.99 -0.52 -22.11
CA THR C 65 -7.66 -1.32 -20.93
C THR C 65 -8.62 -0.95 -19.80
N GLY C 66 -8.69 -1.80 -18.78
CA GLY C 66 -9.49 -1.57 -17.61
C GLY C 66 -9.05 -0.35 -16.82
N LEU C 67 -7.76 0.01 -16.92
CA LEU C 67 -7.19 1.19 -16.26
C LEU C 67 -7.65 2.43 -17.00
N GLU C 68 -7.67 2.39 -18.35
CA GLU C 68 -8.18 3.45 -19.22
C GLU C 68 -9.70 3.61 -18.95
N ALA C 69 -10.45 2.48 -18.90
CA ALA C 69 -11.90 2.48 -18.61
C ALA C 69 -12.16 3.11 -17.24
N ALA C 70 -11.34 2.74 -16.22
CA ALA C 70 -11.43 3.27 -14.87
C ALA C 70 -11.24 4.77 -14.84
N GLU C 71 -10.32 5.30 -15.67
CA GLU C 71 -10.07 6.74 -15.78
C GLU C 71 -11.29 7.47 -16.34
N GLU C 72 -11.96 6.90 -17.35
CA GLU C 72 -13.16 7.49 -17.96
C GLU C 72 -14.37 7.47 -17.02
N LEU C 73 -14.34 6.57 -16.04
CA LEU C 73 -15.43 6.40 -15.08
C LEU C 73 -15.12 6.97 -13.69
N LYS C 74 -13.97 7.70 -13.55
CA LYS C 74 -13.47 8.31 -12.30
C LYS C 74 -14.51 9.15 -11.56
N ASP C 75 -15.39 9.86 -12.29
CA ASP C 75 -16.37 10.73 -11.68
C ASP C 75 -17.83 10.23 -11.78
N THR C 76 -18.03 8.94 -12.09
CA THR C 76 -19.35 8.30 -12.15
C THR C 76 -19.55 7.84 -10.68
N GLY C 77 -20.66 7.31 -10.28
CA GLY C 77 -20.69 6.92 -8.87
C GLY C 77 -20.39 5.46 -8.63
N CYS C 78 -19.80 4.79 -9.62
CA CYS C 78 -19.55 3.37 -9.62
C CYS C 78 -18.27 3.02 -8.90
N LYS C 79 -18.32 1.95 -8.12
CA LYS C 79 -17.14 1.49 -7.37
C LYS C 79 -16.36 0.45 -8.20
N ILE C 80 -15.17 0.82 -8.69
CA ILE C 80 -14.39 -0.08 -9.54
C ILE C 80 -13.37 -0.92 -8.76
N ILE C 81 -13.41 -2.24 -9.00
CA ILE C 81 -12.46 -3.19 -8.43
C ILE C 81 -11.67 -3.77 -9.59
N ILE C 82 -10.36 -3.56 -9.60
CA ILE C 82 -9.49 -4.10 -10.62
C ILE C 82 -9.07 -5.50 -10.23
N LEU C 83 -8.99 -6.36 -11.27
CA LEU C 83 -8.42 -7.68 -11.14
C LEU C 83 -7.30 -7.84 -12.14
N THR C 84 -6.18 -8.36 -11.64
CA THR C 84 -4.99 -8.72 -12.42
C THR C 84 -4.36 -10.03 -11.93
N THR C 85 -3.58 -10.66 -12.82
CA THR C 85 -2.82 -11.86 -12.48
C THR C 85 -1.41 -11.43 -12.01
N PHE C 86 -0.71 -10.61 -12.79
CA PHE C 86 0.66 -10.18 -12.49
C PHE C 86 0.71 -8.70 -12.12
N ALA C 87 1.53 -8.35 -11.11
CA ALA C 87 1.66 -6.94 -10.73
C ALA C 87 2.66 -6.28 -11.70
N ARG C 88 2.16 -5.48 -12.67
CA ARG C 88 3.07 -4.81 -13.58
C ARG C 88 3.43 -3.39 -12.97
N PRO C 89 4.66 -2.81 -13.21
CA PRO C 89 5.03 -1.56 -12.53
C PRO C 89 4.24 -0.33 -12.96
N GLY C 90 3.71 0.37 -11.98
CA GLY C 90 2.95 1.59 -12.23
C GLY C 90 1.47 1.34 -12.41
N TYR C 91 1.04 0.05 -12.48
CA TYR C 91 -0.39 -0.27 -12.61
C TYR C 91 -1.07 0.15 -11.32
N PHE C 92 -0.38 -0.03 -10.18
CA PHE C 92 -0.84 0.30 -8.84
C PHE C 92 -1.09 1.79 -8.65
N GLN C 93 -0.11 2.63 -9.05
CA GLN C 93 -0.21 4.09 -8.99
C GLN C 93 -1.25 4.66 -9.95
N ARG C 94 -1.38 4.07 -11.15
CA ARG C 94 -2.36 4.48 -12.13
C ARG C 94 -3.77 4.14 -11.62
N ALA C 95 -3.91 2.96 -10.94
CA ALA C 95 -5.14 2.45 -10.35
C ALA C 95 -5.64 3.42 -9.29
N ILE C 96 -4.79 3.77 -8.31
CA ILE C 96 -5.09 4.74 -7.24
C ILE C 96 -5.55 6.08 -7.81
N LYS C 97 -4.76 6.63 -8.78
CA LYS C 97 -4.98 7.95 -9.39
C LYS C 97 -6.31 7.99 -10.13
N ALA C 98 -6.74 6.81 -10.67
CA ALA C 98 -8.03 6.67 -11.37
C ALA C 98 -9.19 6.54 -10.37
N GLY C 99 -8.86 6.32 -9.10
CA GLY C 99 -9.83 6.20 -8.02
C GLY C 99 -10.46 4.84 -7.91
N VAL C 100 -9.70 3.77 -8.24
CA VAL C 100 -10.24 2.41 -8.11
C VAL C 100 -10.37 2.11 -6.62
N LYS C 101 -11.47 1.46 -6.26
CA LYS C 101 -11.74 1.17 -4.87
C LYS C 101 -11.10 -0.12 -4.43
N GLY C 102 -10.78 -0.99 -5.37
CA GLY C 102 -10.13 -2.26 -5.11
C GLY C 102 -9.16 -2.65 -6.20
N TYR C 103 -8.12 -3.34 -5.83
CA TYR C 103 -7.09 -3.82 -6.76
C TYR C 103 -6.69 -5.15 -6.16
N LEU C 104 -7.18 -6.23 -6.79
CA LEU C 104 -6.97 -7.59 -6.29
C LEU C 104 -6.33 -8.50 -7.33
N LEU C 105 -6.03 -9.77 -6.94
CA LEU C 105 -5.50 -10.83 -7.82
C LEU C 105 -6.65 -11.69 -8.34
N LYS C 106 -6.60 -12.09 -9.62
CA LYS C 106 -7.74 -12.83 -10.19
C LYS C 106 -8.03 -14.13 -9.48
N ASP C 107 -6.95 -14.75 -9.08
CA ASP C 107 -6.83 -16.04 -8.46
C ASP C 107 -6.99 -15.97 -6.96
N SER C 108 -7.32 -14.80 -6.36
CA SER C 108 -7.59 -14.69 -4.91
C SER C 108 -8.81 -15.59 -4.65
N PRO C 109 -8.91 -16.29 -3.49
CA PRO C 109 -10.10 -17.15 -3.29
C PRO C 109 -11.38 -16.35 -3.49
N SER C 110 -12.42 -16.95 -4.11
CA SER C 110 -13.71 -16.29 -4.39
C SER C 110 -14.35 -15.63 -3.18
N GLU C 111 -14.22 -16.25 -1.98
CA GLU C 111 -14.70 -15.70 -0.69
C GLU C 111 -14.11 -14.31 -0.44
N GLU C 112 -12.85 -14.07 -0.78
CA GLU C 112 -12.17 -12.78 -0.60
C GLU C 112 -12.61 -11.70 -1.60
N LEU C 113 -13.00 -12.09 -2.83
CA LEU C 113 -13.52 -11.16 -3.85
C LEU C 113 -14.90 -10.64 -3.41
N ALA C 114 -15.81 -11.54 -2.97
CA ALA C 114 -17.13 -11.16 -2.51
C ALA C 114 -16.98 -10.22 -1.30
N ASN C 115 -16.00 -10.50 -0.37
CA ASN C 115 -15.68 -9.67 0.81
C ASN C 115 -15.19 -8.29 0.42
N ALA C 116 -14.33 -8.18 -0.60
CA ALA C 116 -13.84 -6.92 -1.11
C ALA C 116 -15.00 -6.07 -1.70
N ILE C 117 -15.97 -6.72 -2.40
CA ILE C 117 -17.15 -6.05 -3.01
C ILE C 117 -17.97 -5.42 -1.89
N ARG C 118 -18.23 -6.17 -0.79
CA ARG C 118 -18.98 -5.69 0.37
C ARG C 118 -18.26 -4.54 1.06
N SER C 119 -16.92 -4.67 1.26
CA SER C 119 -16.04 -3.68 1.90
C SER C 119 -16.03 -2.37 1.12
N VAL C 120 -15.91 -2.47 -0.21
CA VAL C 120 -15.91 -1.34 -1.14
C VAL C 120 -17.29 -0.60 -1.09
N MET C 121 -18.39 -1.38 -1.01
CA MET C 121 -19.74 -0.86 -0.89
C MET C 121 -19.93 -0.16 0.46
N ASN C 122 -19.08 -0.50 1.46
CA ASN C 122 -19.07 0.07 2.80
C ASN C 122 -18.06 1.25 2.90
N GLY C 123 -17.61 1.76 1.74
CA GLY C 123 -16.71 2.90 1.63
C GLY C 123 -15.23 2.63 1.82
N LYS C 124 -14.82 1.34 1.94
CA LYS C 124 -13.42 0.97 2.13
C LYS C 124 -12.65 0.82 0.81
N ARG C 125 -11.32 0.97 0.86
CA ARG C 125 -10.44 0.77 -0.29
C ARG C 125 -9.65 -0.51 -0.01
N ILE C 126 -9.77 -1.52 -0.89
CA ILE C 126 -9.14 -2.84 -0.71
C ILE C 126 -8.02 -3.12 -1.75
N TYR C 127 -6.77 -3.05 -1.33
CA TYR C 127 -5.62 -3.27 -2.19
C TYR C 127 -4.86 -4.49 -1.73
N ALA C 128 -4.55 -5.40 -2.68
CA ALA C 128 -3.78 -6.61 -2.36
C ALA C 128 -2.38 -6.20 -1.95
N PRO C 129 -1.81 -6.73 -0.83
CA PRO C 129 -0.42 -6.33 -0.46
C PRO C 129 0.64 -6.69 -1.52
N GLU C 130 0.39 -7.78 -2.29
CA GLU C 130 1.22 -8.32 -3.37
C GLU C 130 1.29 -7.32 -4.54
N LEU C 131 0.18 -6.63 -4.79
CA LEU C 131 0.08 -5.66 -5.86
C LEU C 131 0.69 -4.27 -5.49
N MET C 132 1.01 -4.04 -4.21
CA MET C 132 1.62 -2.79 -3.78
C MET C 132 3.07 -2.91 -4.22
N GLU C 133 3.67 -1.78 -4.66
CA GLU C 133 5.02 -1.83 -5.20
C GLU C 133 6.12 -1.66 -4.10
N ASP C 134 5.91 -2.46 -3.00
CA ASP C 134 6.71 -2.68 -1.77
C ASP C 134 6.30 -4.00 -1.05
N LEU C 135 6.51 -5.17 -1.71
CA LEU C 135 6.22 -6.54 -1.26
C LEU C 135 4.73 -6.77 -0.82
N LYS D 3 16.91 50.91 28.71
CA LYS D 3 17.15 50.11 29.92
C LYS D 3 15.87 49.36 30.35
N GLU D 4 14.73 50.08 30.31
CA GLU D 4 13.40 49.59 30.70
C GLU D 4 12.65 48.89 29.56
N ARG D 5 13.28 48.82 28.36
CA ARG D 5 12.76 48.20 27.13
C ARG D 5 12.41 46.70 27.31
N GLU D 6 12.70 46.15 28.52
CA GLU D 6 12.39 44.78 28.93
C GLU D 6 11.12 44.78 29.81
N ARG D 7 10.98 45.80 30.70
CA ARG D 7 9.82 45.99 31.60
C ARG D 7 8.54 46.13 30.76
N LEU D 8 8.63 46.94 29.69
CA LEU D 8 7.59 47.23 28.72
C LEU D 8 7.26 46.01 27.88
N GLU D 9 8.31 45.28 27.40
CA GLU D 9 8.19 44.08 26.57
C GLU D 9 7.46 42.91 27.31
N GLU D 10 7.51 42.92 28.66
CA GLU D 10 6.81 41.95 29.50
C GLU D 10 5.30 42.21 29.40
N LYS D 11 4.92 43.52 29.36
CA LYS D 11 3.54 43.99 29.26
C LYS D 11 2.93 43.69 27.89
N LEU D 12 3.76 43.70 26.81
CA LEU D 12 3.34 43.35 25.46
C LEU D 12 3.06 41.86 25.37
N GLU D 13 3.78 41.05 26.15
CA GLU D 13 3.63 39.60 26.23
C GLU D 13 2.34 39.23 26.97
N ASP D 14 2.07 39.91 28.11
CA ASP D 14 0.89 39.75 28.96
C ASP D 14 -0.36 40.15 28.20
N ALA D 15 -0.26 41.22 27.38
CA ALA D 15 -1.36 41.74 26.57
C ALA D 15 -1.69 40.79 25.43
N ASN D 16 -0.65 40.27 24.73
CA ASN D 16 -0.93 39.33 23.66
C ASN D 16 -1.38 37.98 24.19
N GLU D 17 -0.96 37.61 25.45
CA GLU D 17 -1.37 36.36 26.11
C GLU D 17 -2.88 36.34 26.36
N ARG D 18 -3.41 37.45 26.89
CA ARG D 18 -4.83 37.70 27.20
C ARG D 18 -5.71 37.79 25.97
N ILE D 19 -5.24 38.40 24.86
CA ILE D 19 -5.98 38.49 23.60
C ILE D 19 -6.20 37.07 23.09
N ALA D 20 -5.11 36.29 23.07
CA ALA D 20 -5.00 34.93 22.62
C ALA D 20 -5.82 33.97 23.45
N GLU D 21 -5.68 34.02 24.79
CA GLU D 21 -6.43 33.18 25.71
C GLU D 21 -7.95 33.25 25.45
N LEU D 22 -8.53 34.40 25.06
CA LEU D 22 -9.98 34.50 24.75
C LEU D 22 -10.35 33.77 23.45
N VAL D 23 -9.40 33.67 22.51
CA VAL D 23 -9.58 32.95 21.24
C VAL D 23 -9.55 31.45 21.59
N LYS D 24 -8.48 31.02 22.32
CA LYS D 24 -8.23 29.65 22.78
C LYS D 24 -9.51 29.14 23.42
N LEU D 25 -10.01 29.89 24.43
CA LEU D 25 -11.21 29.65 25.21
C LEU D 25 -12.47 29.48 24.35
N GLU D 26 -12.69 30.36 23.34
CA GLU D 26 -13.82 30.33 22.39
C GLU D 26 -13.86 28.98 21.67
N GLU D 27 -12.66 28.47 21.27
CA GLU D 27 -12.45 27.21 20.60
C GLU D 27 -12.69 26.06 21.58
N ARG D 28 -12.08 26.10 22.81
CA ARG D 28 -12.29 25.04 23.83
C ARG D 28 -13.79 24.85 24.04
N GLN D 29 -14.52 25.96 24.26
CA GLN D 29 -15.97 26.02 24.43
C GLN D 29 -16.67 25.30 23.32
N ARG D 30 -16.30 25.62 22.05
CA ARG D 30 -17.01 25.05 20.91
C ARG D 30 -16.66 23.59 20.66
N ILE D 31 -15.40 23.15 20.94
CA ILE D 31 -14.98 21.74 20.76
C ILE D 31 -15.74 20.95 21.78
N ALA D 32 -15.82 21.48 23.02
CA ALA D 32 -16.54 20.86 24.12
C ALA D 32 -17.97 20.52 23.71
N ARG D 33 -18.74 21.50 23.18
CA ARG D 33 -20.11 21.22 22.77
C ARG D 33 -20.22 20.15 21.70
N ASP D 34 -19.27 20.15 20.76
CA ASP D 34 -19.23 19.20 19.65
C ASP D 34 -18.93 17.75 20.10
N LEU D 35 -18.03 17.56 21.08
CA LEU D 35 -17.72 16.24 21.60
C LEU D 35 -18.88 15.63 22.43
N GLU D 36 -19.40 16.35 23.43
CA GLU D 36 -20.52 15.86 24.24
C GLU D 36 -21.77 15.60 23.40
N ASP D 37 -21.90 16.35 22.29
CA ASP D 37 -23.03 16.22 21.37
C ASP D 37 -22.87 14.99 20.45
N THR D 38 -21.69 14.35 20.44
CA THR D 38 -21.48 13.20 19.58
C THR D 38 -20.85 12.03 20.33
N LEU D 39 -20.62 12.16 21.64
CA LEU D 39 -19.97 11.13 22.46
C LEU D 39 -20.64 10.95 23.81
N GLY D 40 -21.27 12.02 24.28
CA GLY D 40 -21.94 12.11 25.57
C GLY D 40 -22.94 11.00 25.82
N GLN D 41 -23.88 10.84 24.89
CA GLN D 41 -24.89 9.79 24.98
C GLN D 41 -24.24 8.41 24.82
N LYS D 42 -23.30 8.26 23.87
CA LYS D 42 -22.68 6.96 23.65
C LYS D 42 -21.88 6.51 24.89
N LEU D 43 -21.11 7.43 25.50
CA LEU D 43 -20.36 7.13 26.72
C LEU D 43 -21.27 6.86 27.89
N SER D 44 -22.38 7.59 27.98
CA SER D 44 -23.35 7.37 29.06
C SER D 44 -24.02 6.00 28.89
N LEU D 45 -24.33 5.64 27.62
CA LEU D 45 -24.95 4.38 27.27
C LEU D 45 -24.04 3.20 27.65
N ILE D 46 -22.72 3.35 27.41
CA ILE D 46 -21.71 2.34 27.74
C ILE D 46 -21.78 2.05 29.22
N GLY D 47 -21.63 3.09 30.04
CA GLY D 47 -21.68 2.98 31.49
C GLY D 47 -22.91 2.23 31.98
N LEU D 48 -24.11 2.71 31.56
CA LEU D 48 -25.39 2.11 31.94
C LEU D 48 -25.47 0.64 31.56
N LYS D 49 -25.17 0.29 30.28
CA LYS D 49 -25.23 -1.10 29.85
C LYS D 49 -24.19 -1.99 30.54
N SER D 50 -23.01 -1.44 30.91
CA SER D 50 -21.94 -2.15 31.64
C SER D 50 -22.43 -2.48 33.04
N ASP D 51 -23.09 -1.48 33.70
CA ASP D 51 -23.71 -1.56 35.04
C ASP D 51 -24.76 -2.69 34.99
N LEU D 52 -25.71 -2.58 34.04
CA LEU D 52 -26.79 -3.54 33.83
C LEU D 52 -26.25 -4.94 33.57
N ALA D 53 -25.28 -5.08 32.64
CA ALA D 53 -24.57 -6.32 32.31
C ALA D 53 -24.02 -7.02 33.57
N ARG D 54 -23.33 -6.25 34.46
CA ARG D 54 -22.77 -6.73 35.74
C ARG D 54 -23.87 -7.17 36.69
N LYS D 55 -25.00 -6.43 36.71
CA LYS D 55 -26.14 -6.73 37.58
C LYS D 55 -26.90 -7.93 37.07
N LEU D 56 -26.67 -8.29 35.79
CA LEU D 56 -27.39 -9.42 35.21
C LEU D 56 -26.61 -10.78 35.21
N ILE D 57 -25.24 -10.73 35.23
CA ILE D 57 -24.26 -11.85 35.18
C ILE D 57 -24.79 -13.18 35.76
N TYR D 58 -25.35 -13.14 36.95
CA TYR D 58 -25.84 -14.34 37.59
C TYR D 58 -27.33 -14.54 37.36
N LYS D 59 -28.14 -13.46 37.42
CA LYS D 59 -29.59 -13.55 37.25
C LYS D 59 -29.99 -14.06 35.83
N ASP D 60 -29.49 -13.42 34.76
CA ASP D 60 -29.70 -13.81 33.36
C ASP D 60 -28.43 -13.53 32.53
N PRO D 61 -27.50 -14.52 32.52
CA PRO D 61 -26.23 -14.34 31.80
C PRO D 61 -26.36 -14.14 30.31
N GLU D 62 -27.45 -14.66 29.71
CA GLU D 62 -27.77 -14.54 28.29
C GLU D 62 -28.00 -13.07 27.95
N GLN D 63 -28.75 -12.35 28.83
CA GLN D 63 -29.01 -10.91 28.66
C GLN D 63 -27.74 -10.09 28.89
N ALA D 64 -26.94 -10.48 29.90
CA ALA D 64 -25.66 -9.86 30.26
C ALA D 64 -24.74 -9.88 29.05
N ALA D 65 -24.71 -11.02 28.32
CA ALA D 65 -23.94 -11.21 27.08
C ALA D 65 -24.46 -10.30 25.95
N ARG D 66 -25.82 -10.24 25.78
CA ARG D 66 -26.50 -9.39 24.80
C ARG D 66 -26.13 -7.93 25.03
N GLU D 67 -26.19 -7.47 26.28
CA GLU D 67 -25.85 -6.10 26.65
C GLU D 67 -24.36 -5.80 26.36
N LEU D 68 -23.47 -6.75 26.66
CA LEU D 68 -22.04 -6.58 26.43
C LEU D 68 -21.67 -6.51 24.97
N LYS D 69 -22.51 -7.08 24.10
CA LYS D 69 -22.36 -7.04 22.65
C LYS D 69 -22.59 -5.60 22.18
N SER D 70 -23.68 -4.92 22.62
CA SER D 70 -23.91 -3.53 22.23
C SER D 70 -22.89 -2.60 22.87
N VAL D 71 -22.34 -2.97 24.06
CA VAL D 71 -21.31 -2.16 24.73
C VAL D 71 -20.10 -2.17 23.83
N GLN D 72 -19.65 -3.36 23.43
CA GLN D 72 -18.50 -3.52 22.55
C GLN D 72 -18.69 -2.73 21.25
N GLN D 73 -19.91 -2.87 20.66
CA GLN D 73 -20.35 -2.25 19.43
C GLN D 73 -20.26 -0.71 19.53
N THR D 74 -21.01 -0.08 20.46
CA THR D 74 -20.96 1.37 20.57
C THR D 74 -19.55 1.85 20.83
N ALA D 75 -18.76 1.14 21.65
CA ALA D 75 -17.37 1.49 21.93
C ALA D 75 -16.55 1.63 20.64
N ARG D 76 -16.66 0.63 19.77
CA ARG D 76 -15.92 0.63 18.52
C ARG D 76 -16.44 1.74 17.55
N THR D 77 -17.77 1.98 17.51
CA THR D 77 -18.36 3.01 16.63
C THR D 77 -18.01 4.41 17.13
N SER D 78 -17.83 4.54 18.46
CA SER D 78 -17.45 5.78 19.13
C SER D 78 -16.03 6.10 18.71
N LEU D 79 -15.09 5.15 18.98
CA LEU D 79 -13.68 5.31 18.67
C LEU D 79 -13.51 5.74 17.25
N ASN D 80 -14.41 5.27 16.37
CA ASN D 80 -14.38 5.67 14.97
C ASN D 80 -14.83 7.12 14.76
N GLU D 81 -15.85 7.56 15.51
CA GLU D 81 -16.29 8.94 15.48
C GLU D 81 -15.09 9.83 15.92
N VAL D 82 -14.45 9.48 17.05
CA VAL D 82 -13.24 10.13 17.56
C VAL D 82 -12.17 10.16 16.45
N ARG D 83 -11.87 8.99 15.83
CA ARG D 83 -10.90 8.93 14.76
C ARG D 83 -11.15 10.04 13.75
N LYS D 84 -12.42 10.13 13.29
CA LYS D 84 -12.84 11.16 12.35
C LYS D 84 -12.56 12.57 12.90
N ILE D 85 -12.98 12.85 14.15
CA ILE D 85 -12.78 14.16 14.80
C ILE D 85 -11.31 14.63 14.68
N VAL D 86 -10.39 13.93 15.37
CA VAL D 86 -8.95 14.14 15.47
C VAL D 86 -8.36 14.39 14.11
N SER D 87 -8.78 13.61 13.10
CA SER D 87 -8.30 13.74 11.73
C SER D 87 -8.64 15.10 11.15
N SER D 88 -9.89 15.54 11.38
CA SER D 88 -10.41 16.83 10.95
C SER D 88 -9.64 17.94 11.67
N MET D 89 -9.57 17.81 13.00
CA MET D 89 -8.92 18.73 13.92
C MET D 89 -7.47 19.00 13.59
N LYS D 90 -6.81 18.07 12.86
CA LYS D 90 -5.40 18.18 12.51
C LYS D 90 -5.09 19.04 11.28
N GLY D 91 -6.07 19.39 10.43
CA GLY D 91 -5.88 20.26 9.27
C GLY D 91 -5.28 19.63 8.03
N ILE D 92 -5.00 20.46 6.93
CA ILE D 92 -4.45 20.00 5.62
C ILE D 92 -2.98 19.68 5.73
N ARG D 93 -2.67 18.40 5.49
CA ARG D 93 -1.30 17.93 5.49
C ARG D 93 -0.63 18.45 4.22
N LEU D 94 0.66 18.81 4.32
CA LEU D 94 1.44 19.32 3.21
C LEU D 94 1.56 18.33 2.05
N LYS D 95 1.66 17.01 2.35
CA LYS D 95 1.71 16.02 1.29
C LYS D 95 0.41 16.04 0.50
N ASP D 96 -0.72 16.31 1.18
CA ASP D 96 -2.03 16.38 0.53
C ASP D 96 -2.19 17.64 -0.28
N GLU D 97 -1.65 18.75 0.20
CA GLU D 97 -1.69 20.00 -0.54
C GLU D 97 -0.87 19.90 -1.83
N LEU D 98 0.27 19.18 -1.76
CA LEU D 98 1.13 18.95 -2.92
C LEU D 98 0.35 18.26 -4.05
N ILE D 99 -0.51 17.30 -3.69
CA ILE D 99 -1.37 16.61 -4.64
C ILE D 99 -2.41 17.59 -5.23
N ASN D 100 -3.00 18.46 -4.39
CA ASN D 100 -3.96 19.45 -4.85
C ASN D 100 -3.33 20.41 -5.87
N ILE D 101 -2.10 20.88 -5.60
CA ILE D 101 -1.49 21.83 -6.52
C ILE D 101 -1.06 21.17 -7.84
N LYS D 102 -0.70 19.88 -7.84
CA LYS D 102 -0.40 19.14 -9.05
C LYS D 102 -1.64 19.13 -9.96
N GLN D 103 -2.82 18.81 -9.36
CA GLN D 103 -4.10 18.75 -10.06
C GLN D 103 -4.47 20.10 -10.64
N ILE D 104 -4.32 21.18 -9.83
CA ILE D 104 -4.66 22.55 -10.20
C ILE D 104 -3.81 23.06 -11.35
N LEU D 105 -2.49 22.82 -11.27
CA LEU D 105 -1.56 23.25 -12.31
C LEU D 105 -1.77 22.49 -13.63
N GLU D 106 -2.01 21.17 -13.55
CA GLU D 106 -2.30 20.35 -14.73
C GLU D 106 -3.59 20.81 -15.40
N ALA D 107 -4.63 21.09 -14.59
CA ALA D 107 -5.92 21.56 -15.11
C ALA D 107 -5.78 22.93 -15.81
N ALA D 108 -4.79 23.72 -15.37
CA ALA D 108 -4.48 25.05 -15.92
C ALA D 108 -3.46 25.01 -17.08
N ASP D 109 -3.03 23.81 -17.51
CA ASP D 109 -2.02 23.64 -18.57
C ASP D 109 -0.68 24.32 -18.25
N ILE D 110 -0.28 24.23 -16.97
CA ILE D 110 0.99 24.74 -16.48
C ILE D 110 1.81 23.53 -16.02
N MET D 111 3.01 23.38 -16.58
CA MET D 111 3.91 22.29 -16.27
C MET D 111 4.37 22.44 -14.81
N PHE D 112 4.24 21.37 -14.03
CA PHE D 112 4.61 21.37 -12.63
C PHE D 112 5.93 20.63 -12.46
N ILE D 113 6.91 21.32 -11.89
CA ILE D 113 8.25 20.77 -11.68
C ILE D 113 8.49 20.68 -10.20
N TYR D 114 8.58 19.44 -9.72
CA TYR D 114 8.85 19.13 -8.33
C TYR D 114 9.67 17.85 -8.25
N GLU D 115 10.69 17.83 -7.38
CA GLU D 115 11.56 16.68 -7.13
C GLU D 115 11.80 16.60 -5.63
N GLU D 116 11.36 15.49 -4.96
CA GLU D 116 11.54 15.38 -3.51
C GLU D 116 13.01 15.39 -3.13
N GLU D 117 13.35 16.31 -2.21
CA GLU D 117 14.69 16.51 -1.67
C GLU D 117 14.54 17.14 -0.31
N LYS D 118 15.22 16.56 0.70
CA LYS D 118 15.24 17.06 2.07
C LYS D 118 13.83 17.26 2.62
N TRP D 119 12.91 16.31 2.38
CA TRP D 119 11.55 16.41 2.91
C TRP D 119 11.59 16.53 4.44
N PRO D 120 10.84 17.49 5.03
CA PRO D 120 10.86 17.68 6.49
C PRO D 120 10.56 16.43 7.28
N GLU D 121 11.50 16.07 8.13
CA GLU D 121 11.42 14.86 8.93
C GLU D 121 10.44 15.00 10.07
N ASN D 122 10.26 16.22 10.58
CA ASN D 122 9.33 16.48 11.66
C ASN D 122 9.01 17.95 11.69
N ILE D 123 7.77 18.32 11.35
CA ILE D 123 7.27 19.68 11.39
C ILE D 123 6.01 19.62 12.24
N SER D 124 5.73 20.68 13.02
CA SER D 124 4.54 20.65 13.85
C SER D 124 3.35 20.67 12.94
N LEU D 125 2.23 20.06 13.37
CA LEU D 125 1.01 20.05 12.59
C LEU D 125 0.53 21.46 12.34
N LEU D 126 0.72 22.37 13.29
CA LEU D 126 0.38 23.77 13.07
C LEU D 126 1.18 24.37 11.91
N ASN D 127 2.52 24.27 11.97
CA ASN D 127 3.38 24.90 10.96
C ASN D 127 3.18 24.26 9.61
N GLU D 128 2.86 22.95 9.63
CA GLU D 128 2.54 22.21 8.41
C GLU D 128 1.27 22.77 7.77
N ASN D 129 0.22 22.98 8.58
CA ASN D 129 -1.03 23.57 8.12
C ASN D 129 -0.85 25.00 7.58
N ILE D 130 0.05 25.81 8.20
CA ILE D 130 0.30 27.17 7.73
C ILE D 130 0.95 27.11 6.34
N LEU D 131 1.95 26.25 6.20
CA LEU D 131 2.63 26.06 4.93
C LEU D 131 1.70 25.57 3.83
N SER D 132 0.74 24.65 4.17
CA SER D 132 -0.25 24.15 3.22
C SER D 132 -1.06 25.30 2.66
N MET D 133 -1.53 26.17 3.54
CA MET D 133 -2.32 27.35 3.20
C MET D 133 -1.56 28.28 2.26
N CYS D 134 -0.27 28.53 2.58
CA CYS D 134 0.59 29.40 1.78
C CYS D 134 0.92 28.79 0.45
N LEU D 135 1.17 27.48 0.42
CA LEU D 135 1.47 26.79 -0.82
C LEU D 135 0.27 26.89 -1.76
N LYS D 136 -0.95 26.68 -1.22
CA LYS D 136 -2.19 26.78 -1.99
C LYS D 136 -2.31 28.15 -2.64
N GLU D 137 -2.12 29.19 -1.84
CA GLU D 137 -2.24 30.57 -2.32
C GLU D 137 -1.20 30.94 -3.38
N ALA D 138 0.08 30.53 -3.18
CA ALA D 138 1.16 30.81 -4.10
C ALA D 138 0.78 30.27 -5.48
N VAL D 139 0.24 29.03 -5.50
CA VAL D 139 -0.15 28.38 -6.74
C VAL D 139 -1.44 28.98 -7.34
N THR D 140 -2.42 29.38 -6.48
CA THR D 140 -3.63 30.08 -6.94
C THR D 140 -3.18 31.35 -7.70
N ASN D 141 -2.16 32.05 -7.16
CA ASN D 141 -1.66 33.27 -7.79
C ASN D 141 -1.01 32.98 -9.14
N VAL D 142 -0.27 31.87 -9.23
CA VAL D 142 0.34 31.46 -10.49
C VAL D 142 -0.78 31.27 -11.52
N VAL D 143 -1.80 30.48 -11.15
CA VAL D 143 -2.89 30.15 -12.06
C VAL D 143 -3.70 31.40 -12.51
N LYS D 144 -4.04 32.29 -11.57
CA LYS D 144 -4.87 33.48 -11.80
C LYS D 144 -4.19 34.59 -12.53
N HIS D 145 -2.89 34.79 -12.26
CA HIS D 145 -2.19 35.98 -12.76
C HIS D 145 -1.01 35.84 -13.68
N SER D 146 -0.20 34.77 -13.54
CA SER D 146 1.11 34.73 -14.16
C SER D 146 1.16 34.63 -15.68
N GLN D 147 0.24 33.85 -16.26
CA GLN D 147 0.23 33.40 -17.66
C GLN D 147 1.49 32.52 -17.93
N ALA D 148 1.97 31.84 -16.86
CA ALA D 148 3.12 30.95 -16.89
C ALA D 148 2.81 29.71 -17.71
N LYS D 149 3.87 29.08 -18.22
CA LYS D 149 3.79 27.78 -18.88
C LYS D 149 4.41 26.71 -17.96
N THR D 150 5.22 27.14 -16.97
CA THR D 150 5.92 26.29 -16.00
C THR D 150 5.83 26.86 -14.57
N CYS D 151 5.72 25.97 -13.57
CA CYS D 151 5.74 26.31 -12.16
C CYS D 151 6.64 25.31 -11.43
N ARG D 152 7.65 25.84 -10.72
CA ARG D 152 8.59 25.04 -9.96
C ARG D 152 8.35 25.20 -8.45
N VAL D 153 8.15 24.06 -7.76
CA VAL D 153 7.96 24.03 -6.31
C VAL D 153 9.09 23.22 -5.68
N ASP D 154 9.78 23.83 -4.71
CA ASP D 154 10.84 23.19 -3.94
C ASP D 154 10.39 23.22 -2.47
N ILE D 155 10.47 22.09 -1.76
CA ILE D 155 10.07 21.98 -0.34
C ILE D 155 11.20 21.26 0.39
N GLN D 156 11.99 22.02 1.18
CA GLN D 156 13.17 21.45 1.83
C GLN D 156 13.36 21.85 3.26
N GLN D 157 13.92 20.92 4.05
CA GLN D 157 14.33 21.17 5.42
C GLN D 157 15.76 21.63 5.27
N LEU D 158 15.98 22.90 5.64
CA LEU D 158 17.28 23.53 5.56
C LEU D 158 17.57 24.18 6.88
N TRP D 159 18.60 23.67 7.58
CA TRP D 159 19.03 24.17 8.90
C TRP D 159 17.85 24.02 9.87
N LYS D 160 17.37 25.10 10.48
CA LYS D 160 16.23 25.01 11.41
C LYS D 160 14.93 25.55 10.82
N GLU D 161 14.78 25.46 9.50
CA GLU D 161 13.59 25.94 8.81
C GLU D 161 13.11 24.94 7.81
N VAL D 162 11.83 25.05 7.46
CA VAL D 162 11.29 24.41 6.30
C VAL D 162 11.14 25.57 5.32
N VAL D 163 11.75 25.41 4.15
CA VAL D 163 11.72 26.44 3.11
C VAL D 163 10.93 25.96 1.89
N ILE D 164 9.94 26.74 1.45
CA ILE D 164 9.18 26.42 0.26
C ILE D 164 9.40 27.52 -0.75
N THR D 165 9.79 27.15 -1.98
CA THR D 165 9.93 28.14 -3.06
C THR D 165 8.94 27.79 -4.15
N VAL D 166 8.20 28.79 -4.64
CA VAL D 166 7.25 28.62 -5.73
C VAL D 166 7.69 29.63 -6.76
N SER D 167 8.14 29.14 -7.92
CA SER D 167 8.56 30.01 -8.99
C SER D 167 7.76 29.71 -10.24
N ASP D 168 7.55 30.73 -11.07
CA ASP D 168 6.87 30.57 -12.34
C ASP D 168 7.55 31.45 -13.38
N ASP D 169 7.36 31.07 -14.65
CA ASP D 169 7.97 31.73 -15.80
C ASP D 169 7.02 32.67 -16.55
N GLY D 170 6.00 33.17 -15.84
CA GLY D 170 5.09 34.14 -16.41
C GLY D 170 5.62 35.55 -16.19
N THR D 171 4.69 36.51 -16.07
CA THR D 171 5.08 37.90 -15.81
C THR D 171 4.32 38.41 -14.60
N PHE D 172 5.03 39.09 -13.70
CA PHE D 172 4.43 39.67 -12.50
C PHE D 172 3.52 40.83 -12.87
N LYS D 173 2.29 40.83 -12.32
CA LYS D 173 1.27 41.81 -12.68
C LYS D 173 0.99 42.90 -11.65
N GLY D 174 1.62 42.80 -10.49
CA GLY D 174 1.38 43.72 -9.40
C GLY D 174 2.11 45.02 -9.47
N GLU D 175 1.68 45.95 -8.62
CA GLU D 175 2.26 47.28 -8.50
C GLU D 175 3.55 47.23 -7.69
N GLU D 176 4.25 48.39 -7.60
CA GLU D 176 5.49 48.54 -6.84
C GLU D 176 5.36 47.90 -5.47
N ASN D 177 4.25 48.18 -4.76
CA ASN D 177 3.94 47.53 -3.49
C ASN D 177 2.69 46.67 -3.65
N SER D 178 2.90 45.35 -3.81
CA SER D 178 1.82 44.40 -4.06
C SER D 178 1.24 43.75 -2.81
N PHE D 179 1.67 44.18 -1.64
CA PHE D 179 1.23 43.65 -0.36
C PHE D 179 0.09 44.52 0.19
N SER D 180 -1.16 44.14 -0.09
CA SER D 180 -2.31 44.92 0.35
C SER D 180 -3.17 44.13 1.32
N HIS D 183 -5.56 40.60 1.10
CA HIS D 183 -5.19 39.78 -0.05
C HIS D 183 -4.06 38.82 0.30
N GLY D 184 -3.82 37.87 -0.58
CA GLY D 184 -2.91 36.76 -0.38
C GLY D 184 -1.45 37.03 -0.09
N LEU D 185 -0.81 37.97 -0.79
CA LEU D 185 0.62 38.21 -0.53
C LEU D 185 0.88 38.70 0.90
N LEU D 186 0.12 39.69 1.33
CA LEU D 186 0.25 40.19 2.69
C LEU D 186 -0.29 39.17 3.69
N GLY D 187 -1.37 38.47 3.30
CA GLY D 187 -1.95 37.38 4.11
C GLY D 187 -0.93 36.29 4.42
N MET D 188 -0.22 35.81 3.40
CA MET D 188 0.82 34.80 3.57
C MET D 188 1.95 35.33 4.44
N ARG D 189 2.42 36.55 4.15
CA ARG D 189 3.51 37.12 4.94
C ARG D 189 3.12 37.23 6.41
N GLU D 190 1.92 37.76 6.70
CA GLU D 190 1.43 37.90 8.08
C GLU D 190 1.29 36.54 8.76
N ARG D 191 0.73 35.53 8.04
CA ARG D 191 0.57 34.17 8.61
C ARG D 191 1.93 33.58 8.95
N LEU D 192 2.90 33.71 8.02
CA LEU D 192 4.26 33.20 8.22
C LEU D 192 5.00 33.92 9.33
N GLU D 193 4.90 35.25 9.35
CA GLU D 193 5.57 36.05 10.37
C GLU D 193 5.02 35.77 11.77
N PHE D 194 3.70 35.45 11.88
CA PHE D 194 3.04 35.06 13.15
C PHE D 194 3.74 33.82 13.69
N ALA D 195 4.16 32.93 12.79
CA ALA D 195 4.81 31.70 13.14
C ALA D 195 6.35 31.86 13.24
N ASN D 196 6.85 33.12 13.25
CA ASN D 196 8.28 33.47 13.29
C ASN D 196 9.01 33.01 12.01
N GLY D 197 8.24 32.97 10.94
CA GLY D 197 8.73 32.69 9.60
C GLY D 197 8.85 33.95 8.79
N SER D 198 8.97 33.78 7.46
CA SER D 198 9.20 34.87 6.52
C SER D 198 8.67 34.58 5.13
N LEU D 199 8.46 35.65 4.35
CA LEU D 199 8.07 35.57 2.95
C LEU D 199 8.86 36.61 2.21
N HIS D 200 9.58 36.16 1.17
CA HIS D 200 10.32 37.02 0.26
C HIS D 200 9.84 36.77 -1.17
N ILE D 201 9.89 37.83 -1.98
CA ILE D 201 9.44 37.77 -3.36
C ILE D 201 10.48 38.37 -4.31
N ASP D 202 10.65 37.72 -5.47
CA ASP D 202 11.50 38.17 -6.55
C ASP D 202 10.65 38.14 -7.81
N THR D 203 10.51 39.31 -8.46
CA THR D 203 9.63 39.47 -9.63
C THR D 203 10.37 39.80 -10.90
N GLU D 204 11.65 39.47 -10.96
CA GLU D 204 12.43 39.71 -12.16
C GLU D 204 12.03 38.74 -13.30
N ASN D 205 12.46 37.48 -13.25
CA ASN D 205 12.21 36.47 -14.30
C ASN D 205 10.96 35.64 -13.99
N GLY D 206 9.82 36.31 -14.09
CA GLY D 206 8.56 35.76 -13.65
C GLY D 206 8.40 36.14 -12.19
N THR D 207 7.88 35.23 -11.37
CA THR D 207 7.64 35.49 -9.95
C THR D 207 8.13 34.32 -9.13
N LYS D 208 8.93 34.61 -8.10
CA LYS D 208 9.42 33.59 -7.19
C LYS D 208 9.18 34.01 -5.75
N LEU D 209 8.46 33.17 -5.02
CA LEU D 209 8.14 33.32 -3.61
C LEU D 209 8.98 32.37 -2.80
N THR D 210 9.65 32.87 -1.77
CA THR D 210 10.43 32.04 -0.85
C THR D 210 9.79 32.18 0.52
N MET D 211 9.24 31.08 1.03
CA MET D 211 8.58 31.09 2.30
C MET D 211 9.32 30.19 3.22
N ALA D 212 9.54 30.61 4.46
CA ALA D 212 10.24 29.80 5.45
C ALA D 212 9.47 29.84 6.77
N ILE D 213 9.52 28.73 7.51
CA ILE D 213 8.90 28.62 8.80
C ILE D 213 9.85 27.81 9.67
N PRO D 214 9.96 28.15 10.98
CA PRO D 214 10.81 27.37 11.86
C PRO D 214 10.38 25.91 11.99
N ASN D 215 11.39 25.08 12.20
CA ASN D 215 11.27 23.65 12.41
C ASN D 215 12.56 23.00 12.92
N ASN D 216 12.43 22.40 14.12
CA ASN D 216 13.49 21.67 14.81
C ASN D 216 12.97 20.45 15.59
N SER D 217 11.61 20.27 15.64
CA SER D 217 10.91 19.15 16.29
C SER D 217 9.43 19.08 15.87
N ARG E 2 -11.77 59.80 3.70
CA ARG E 2 -13.22 59.86 3.92
C ARG E 2 -13.78 58.46 4.23
N LYS E 3 -13.74 57.59 3.21
CA LYS E 3 -14.13 56.18 3.20
C LYS E 3 -12.84 55.38 3.37
N GLU E 4 -11.66 56.09 3.26
CA GLU E 4 -10.33 55.49 3.46
C GLU E 4 -10.12 55.07 4.92
N ARG E 5 -10.91 55.66 5.87
CA ARG E 5 -10.92 55.29 7.29
C ARG E 5 -11.45 53.85 7.30
N GLU E 6 -12.63 53.64 6.65
CA GLU E 6 -13.36 52.37 6.51
C GLU E 6 -12.56 51.28 5.75
N ARG E 7 -12.06 51.60 4.52
CA ARG E 7 -11.26 50.71 3.68
C ARG E 7 -10.04 50.19 4.45
N LEU E 8 -9.39 51.06 5.24
CA LEU E 8 -8.24 50.73 6.10
C LEU E 8 -8.70 49.95 7.31
N GLU E 9 -9.88 50.28 7.86
CA GLU E 9 -10.40 49.59 9.05
C GLU E 9 -10.80 48.15 8.73
N GLU E 10 -11.26 47.89 7.48
CA GLU E 10 -11.58 46.55 7.00
C GLU E 10 -10.24 45.80 6.87
N LYS E 11 -9.24 46.44 6.22
CA LYS E 11 -7.86 45.98 6.01
C LYS E 11 -7.22 45.45 7.30
N LEU E 12 -7.69 45.95 8.48
CA LEU E 12 -7.22 45.54 9.79
C LEU E 12 -8.03 44.38 10.35
N GLU E 13 -9.38 44.51 10.39
CA GLU E 13 -10.28 43.49 10.95
C GLU E 13 -10.01 42.10 10.35
N ASP E 14 -9.84 42.00 9.03
CA ASP E 14 -9.51 40.74 8.38
C ASP E 14 -8.08 40.28 8.69
N ALA E 15 -7.15 41.23 8.93
CA ALA E 15 -5.78 40.91 9.33
C ALA E 15 -5.74 40.42 10.80
N ASN E 16 -6.73 40.84 11.60
CA ASN E 16 -6.93 40.49 13.00
C ASN E 16 -7.55 39.08 13.03
N GLU E 17 -8.53 38.84 12.14
CA GLU E 17 -9.26 37.57 11.93
C GLU E 17 -8.24 36.47 11.54
N ARG E 18 -7.38 36.78 10.55
CA ARG E 18 -6.34 35.92 10.06
C ARG E 18 -5.48 35.37 11.19
N ILE E 19 -5.09 36.25 12.12
CA ILE E 19 -4.24 35.88 13.26
C ILE E 19 -5.03 35.02 14.24
N ALA E 20 -6.24 35.46 14.62
CA ALA E 20 -7.11 34.70 15.51
C ALA E 20 -7.33 33.24 14.98
N GLU E 21 -7.53 33.09 13.66
CA GLU E 21 -7.77 31.81 13.03
C GLU E 21 -6.62 30.84 13.32
N LEU E 22 -5.36 31.32 13.25
CA LEU E 22 -4.16 30.51 13.53
C LEU E 22 -4.03 30.21 15.04
N VAL E 23 -4.59 31.06 15.90
CA VAL E 23 -4.58 30.84 17.35
C VAL E 23 -5.61 29.69 17.63
N LYS E 24 -6.72 29.63 16.83
CA LYS E 24 -7.75 28.59 16.86
C LYS E 24 -7.18 27.22 16.45
N LEU E 25 -6.29 27.21 15.46
CA LEU E 25 -5.73 25.94 15.01
C LEU E 25 -4.69 25.40 15.99
N GLU E 26 -3.81 26.29 16.50
CA GLU E 26 -2.76 26.03 17.50
C GLU E 26 -3.32 25.25 18.67
N GLU E 27 -4.56 25.60 19.07
CA GLU E 27 -5.36 25.01 20.17
C GLU E 27 -6.10 23.76 19.73
N ARG E 28 -6.80 23.80 18.55
CA ARG E 28 -7.49 22.63 17.96
C ARG E 28 -6.48 21.46 17.94
N GLN E 29 -5.26 21.76 17.49
CA GLN E 29 -4.07 20.93 17.41
C GLN E 29 -3.69 20.26 18.74
N ARG E 30 -3.66 21.03 19.86
CA ARG E 30 -3.29 20.51 21.18
C ARG E 30 -4.39 19.61 21.78
N ILE E 31 -5.68 20.09 21.73
CA ILE E 31 -6.87 19.39 22.16
C ILE E 31 -6.97 18.10 21.34
N ALA E 32 -6.67 18.18 20.04
CA ALA E 32 -6.60 17.00 19.17
C ALA E 32 -5.61 15.98 19.73
N ARG E 33 -4.40 16.43 20.16
CA ARG E 33 -3.42 15.50 20.75
C ARG E 33 -3.88 14.94 22.08
N ASP E 34 -4.42 15.79 22.94
CA ASP E 34 -4.93 15.34 24.24
C ASP E 34 -6.10 14.39 24.09
N LEU E 35 -6.84 14.46 22.98
CA LEU E 35 -7.94 13.53 22.71
C LEU E 35 -7.43 12.12 22.46
N GLU E 36 -6.40 11.96 21.60
CA GLU E 36 -5.85 10.64 21.35
C GLU E 36 -5.23 10.03 22.62
N ASP E 37 -4.58 10.88 23.43
CA ASP E 37 -3.90 10.48 24.64
C ASP E 37 -4.84 10.05 25.72
N THR E 38 -6.08 10.52 25.67
CA THR E 38 -7.14 10.19 26.63
C THR E 38 -8.14 9.19 26.01
N LEU E 39 -9.25 9.68 25.41
CA LEU E 39 -10.33 8.90 24.81
C LEU E 39 -9.87 7.73 23.95
N GLY E 40 -8.78 7.88 23.23
CA GLY E 40 -8.28 6.84 22.36
C GLY E 40 -7.96 5.56 23.10
N GLN E 41 -7.10 5.68 24.11
CA GLN E 41 -6.61 4.56 24.92
C GLN E 41 -7.71 3.97 25.77
N LYS E 42 -8.59 4.88 26.28
CA LYS E 42 -9.72 4.55 27.14
C LYS E 42 -10.81 3.81 26.36
N LEU E 43 -11.19 4.29 25.15
CA LEU E 43 -12.20 3.64 24.33
C LEU E 43 -11.73 2.28 23.85
N SER E 44 -10.42 2.17 23.52
CA SER E 44 -9.80 0.93 23.08
C SER E 44 -9.87 -0.09 24.22
N LEU E 45 -9.58 0.38 25.44
CA LEU E 45 -9.57 -0.44 26.63
C LEU E 45 -10.97 -0.96 26.97
N ILE E 46 -12.03 -0.10 26.89
CA ILE E 46 -13.43 -0.48 27.13
C ILE E 46 -13.80 -1.65 26.21
N GLY E 47 -13.57 -1.52 24.90
CA GLY E 47 -13.87 -2.57 23.93
C GLY E 47 -13.27 -3.92 24.32
N LEU E 48 -11.93 -3.93 24.55
CA LEU E 48 -11.18 -5.13 24.94
C LEU E 48 -11.69 -5.75 26.23
N LYS E 49 -11.90 -4.94 27.29
CA LYS E 49 -12.40 -5.43 28.57
C LYS E 49 -13.83 -5.91 28.46
N SER E 50 -14.61 -5.32 27.56
CA SER E 50 -16.00 -5.73 27.33
C SER E 50 -16.00 -7.10 26.65
N ASP E 51 -15.08 -7.27 25.67
CA ASP E 51 -14.80 -8.51 24.93
C ASP E 51 -14.46 -9.57 25.96
N LEU E 52 -13.38 -9.31 26.75
CA LEU E 52 -12.94 -10.21 27.82
C LEU E 52 -14.05 -10.57 28.80
N ALA E 53 -14.82 -9.58 29.29
CA ALA E 53 -15.93 -9.84 30.19
C ALA E 53 -16.93 -10.81 29.59
N ARG E 54 -17.47 -10.54 28.37
CA ARG E 54 -18.40 -11.40 27.64
C ARG E 54 -17.86 -12.83 27.60
N LYS E 55 -16.58 -12.94 27.20
CA LYS E 55 -15.86 -14.20 27.06
C LYS E 55 -15.73 -14.97 28.37
N LEU E 56 -16.07 -14.34 29.51
CA LEU E 56 -15.95 -14.99 30.81
C LEU E 56 -17.26 -15.22 31.57
N ILE E 57 -18.41 -14.69 31.09
CA ILE E 57 -19.70 -14.82 31.80
C ILE E 57 -19.86 -16.20 32.44
N TYR E 58 -19.43 -17.26 31.71
CA TYR E 58 -19.51 -18.61 32.24
C TYR E 58 -18.21 -19.12 32.77
N LYS E 59 -17.08 -18.84 32.12
CA LYS E 59 -15.79 -19.36 32.62
C LYS E 59 -15.43 -18.81 34.04
N ASP E 60 -15.41 -17.47 34.21
CA ASP E 60 -15.16 -16.80 35.50
C ASP E 60 -16.01 -15.51 35.59
N PRO E 61 -17.27 -15.67 36.04
CA PRO E 61 -18.18 -14.50 36.15
C PRO E 61 -17.72 -13.42 37.12
N GLU E 62 -16.95 -13.83 38.15
CA GLU E 62 -16.39 -12.94 39.17
C GLU E 62 -15.42 -11.96 38.49
N GLN E 63 -14.58 -12.45 37.56
CA GLN E 63 -13.63 -11.62 36.82
C GLN E 63 -14.36 -10.75 35.83
N ALA E 64 -15.40 -11.32 35.17
CA ALA E 64 -16.25 -10.60 34.23
C ALA E 64 -16.83 -9.36 34.92
N ALA E 65 -17.35 -9.53 36.14
CA ALA E 65 -17.88 -8.47 36.97
C ALA E 65 -16.82 -7.42 37.29
N ARG E 66 -15.59 -7.87 37.68
CA ARG E 66 -14.44 -7.00 37.99
C ARG E 66 -14.09 -6.13 36.77
N GLU E 67 -14.01 -6.77 35.58
CA GLU E 67 -13.72 -6.12 34.31
C GLU E 67 -14.79 -5.10 33.93
N LEU E 68 -16.08 -5.46 34.03
CA LEU E 68 -17.23 -4.58 33.76
C LEU E 68 -17.26 -3.34 34.63
N LYS E 69 -16.78 -3.49 35.89
CA LYS E 69 -16.70 -2.39 36.85
C LYS E 69 -15.70 -1.35 36.28
N SER E 70 -14.53 -1.80 35.80
CA SER E 70 -13.49 -0.96 35.18
C SER E 70 -14.04 -0.30 33.92
N VAL E 71 -14.78 -1.07 33.09
CA VAL E 71 -15.41 -0.59 31.86
C VAL E 71 -16.38 0.56 32.21
N GLN E 72 -17.27 0.33 33.21
CA GLN E 72 -18.22 1.34 33.68
C GLN E 72 -17.51 2.62 34.20
N GLN E 73 -16.38 2.42 34.90
CA GLN E 73 -15.58 3.48 35.51
C GLN E 73 -14.86 4.29 34.47
N THR E 74 -14.17 3.61 33.50
CA THR E 74 -13.39 4.29 32.46
C THR E 74 -14.34 5.09 31.56
N ALA E 75 -15.58 4.62 31.36
CA ALA E 75 -16.59 5.32 30.57
C ALA E 75 -17.00 6.64 31.23
N ARG E 76 -17.25 6.63 32.57
CA ARG E 76 -17.63 7.85 33.30
C ARG E 76 -16.46 8.82 33.36
N THR E 77 -15.22 8.29 33.52
CA THR E 77 -13.97 9.05 33.55
C THR E 77 -13.80 9.81 32.24
N SER E 78 -13.97 9.09 31.10
CA SER E 78 -13.86 9.61 29.76
C SER E 78 -14.84 10.67 29.51
N LEU E 79 -16.08 10.51 30.00
CA LEU E 79 -17.07 11.57 29.87
C LEU E 79 -16.56 12.80 30.62
N ASN E 80 -16.07 12.62 31.86
CA ASN E 80 -15.52 13.72 32.65
C ASN E 80 -14.27 14.35 32.03
N GLU E 81 -13.49 13.57 31.26
CA GLU E 81 -12.31 14.06 30.54
C GLU E 81 -12.74 15.08 29.47
N VAL E 82 -13.85 14.77 28.76
CA VAL E 82 -14.50 15.61 27.76
C VAL E 82 -15.05 16.86 28.47
N ARG E 83 -15.65 16.67 29.66
CA ARG E 83 -16.18 17.78 30.48
C ARG E 83 -15.04 18.63 31.12
N LYS E 84 -13.78 18.12 31.11
CA LYS E 84 -12.53 18.74 31.63
C LYS E 84 -12.10 20.02 30.82
N ILE E 85 -13.07 20.66 30.14
CA ILE E 85 -12.84 21.85 29.31
C ILE E 85 -13.71 23.09 29.85
N VAL E 86 -14.71 22.81 30.73
CA VAL E 86 -15.66 23.78 31.38
C VAL E 86 -14.98 24.71 32.48
N SER E 87 -15.78 25.59 33.15
CA SER E 87 -15.27 26.50 34.18
C SER E 87 -16.02 26.43 35.53
N GLY E 91 -18.76 25.82 32.17
CA GLY E 91 -18.98 26.67 31.01
C GLY E 91 -20.19 27.60 31.16
N ILE E 92 -20.91 27.83 30.04
CA ILE E 92 -22.07 28.71 30.07
C ILE E 92 -23.37 27.93 29.82
N ARG E 93 -24.21 27.83 30.87
CA ARG E 93 -25.56 27.28 30.90
C ARG E 93 -26.47 28.19 30.06
N LEU E 94 -26.34 29.52 30.18
CA LEU E 94 -27.13 30.45 29.37
C LEU E 94 -26.85 30.28 27.88
N LYS E 95 -25.61 29.93 27.49
CA LYS E 95 -25.30 29.67 26.07
C LYS E 95 -25.95 28.39 25.59
N ASP E 96 -26.21 27.44 26.49
CA ASP E 96 -26.94 26.21 26.13
C ASP E 96 -28.43 26.47 26.00
N GLU E 97 -28.97 27.37 26.84
CA GLU E 97 -30.37 27.75 26.75
C GLU E 97 -30.64 28.49 25.47
N LEU E 98 -29.67 29.32 25.04
CA LEU E 98 -29.73 30.09 23.78
C LEU E 98 -29.97 29.12 22.62
N ILE E 99 -29.25 27.97 22.60
CA ILE E 99 -29.40 26.96 21.57
C ILE E 99 -30.80 26.35 21.61
N ASN E 100 -31.31 26.05 22.83
CA ASN E 100 -32.65 25.47 22.99
C ASN E 100 -33.71 26.42 22.43
N ILE E 101 -33.60 27.72 22.76
CA ILE E 101 -34.64 28.66 22.33
C ILE E 101 -34.59 28.91 20.83
N LYS E 102 -33.40 28.85 20.21
CA LYS E 102 -33.27 28.99 18.75
C LYS E 102 -34.03 27.85 18.08
N GLN E 103 -33.84 26.60 18.55
CA GLN E 103 -34.52 25.41 18.02
C GLN E 103 -36.04 25.53 18.17
N ILE E 104 -36.51 25.95 19.35
CA ILE E 104 -37.93 26.08 19.68
C ILE E 104 -38.60 27.13 18.82
N LEU E 105 -37.98 28.30 18.67
CA LEU E 105 -38.53 29.37 17.86
C LEU E 105 -38.57 29.03 16.37
N GLU E 106 -37.51 28.40 15.85
CA GLU E 106 -37.44 27.95 14.46
C GLU E 106 -38.53 26.91 14.18
N ALA E 107 -38.72 25.96 15.11
CA ALA E 107 -39.74 24.91 14.98
C ALA E 107 -41.15 25.53 14.96
N ALA E 108 -41.33 26.69 15.62
CA ALA E 108 -42.58 27.42 15.71
C ALA E 108 -42.77 28.45 14.59
N ASP E 109 -41.83 28.52 13.62
CA ASP E 109 -41.86 29.51 12.52
C ASP E 109 -41.87 30.96 13.01
N ILE E 110 -41.10 31.23 14.07
CA ILE E 110 -40.91 32.56 14.65
C ILE E 110 -39.45 32.94 14.44
N MET E 111 -39.23 34.09 13.79
CA MET E 111 -37.91 34.61 13.51
C MET E 111 -37.25 34.97 14.82
N PHE E 112 -36.03 34.48 15.04
CA PHE E 112 -35.29 34.74 16.27
C PHE E 112 -34.19 35.73 16.00
N ILE E 113 -34.23 36.85 16.73
CA ILE E 113 -33.27 37.95 16.58
C ILE E 113 -32.45 38.04 17.86
N TYR E 114 -31.14 37.72 17.76
CA TYR E 114 -30.16 37.73 18.85
C TYR E 114 -28.75 38.04 18.36
N GLU E 115 -27.89 38.46 19.28
CA GLU E 115 -26.46 38.71 19.02
C GLU E 115 -25.64 37.94 20.07
N GLU E 116 -25.13 36.73 19.75
CA GLU E 116 -24.44 35.91 20.75
C GLU E 116 -23.12 36.45 21.19
N GLU E 117 -22.58 37.42 20.45
CA GLU E 117 -21.31 38.09 20.77
C GLU E 117 -21.44 38.96 22.03
N LYS E 118 -22.65 39.42 22.34
CA LYS E 118 -22.90 40.28 23.48
C LYS E 118 -23.30 39.50 24.76
N TRP E 119 -22.94 38.20 24.88
CA TRP E 119 -23.43 37.44 26.04
C TRP E 119 -22.50 37.52 27.25
N PRO E 120 -23.03 37.99 28.40
CA PRO E 120 -22.18 38.21 29.58
C PRO E 120 -21.55 36.95 30.15
N GLU E 121 -20.25 37.01 30.37
CA GLU E 121 -19.53 35.89 30.91
C GLU E 121 -19.50 35.95 32.44
N ASN E 122 -19.35 37.15 32.99
CA ASN E 122 -19.12 37.26 34.43
C ASN E 122 -20.38 37.35 35.29
N ILE E 123 -20.96 36.18 35.58
CA ILE E 123 -22.19 36.03 36.37
C ILE E 123 -22.04 34.77 37.18
N SER E 124 -22.63 34.74 38.39
CA SER E 124 -22.53 33.54 39.22
C SER E 124 -23.25 32.43 38.52
N LEU E 125 -22.82 31.19 38.77
CA LEU E 125 -23.47 30.05 38.15
C LEU E 125 -24.92 29.94 38.61
N LEU E 126 -25.20 30.29 39.87
CA LEU E 126 -26.59 30.32 40.31
C LEU E 126 -27.44 31.30 39.50
N ASN E 127 -26.99 32.57 39.40
CA ASN E 127 -27.76 33.61 38.73
C ASN E 127 -27.88 33.33 37.24
N GLU E 128 -26.85 32.68 36.67
CA GLU E 128 -26.87 32.26 35.29
C GLU E 128 -27.97 31.20 35.09
N ASN E 129 -28.04 30.22 36.00
CA ASN E 129 -29.05 29.17 35.94
C ASN E 129 -30.48 29.73 36.12
N ILE E 130 -30.64 30.76 36.98
CA ILE E 130 -31.95 31.40 37.17
C ILE E 130 -32.38 32.09 35.86
N LEU E 131 -31.45 32.84 35.24
CA LEU E 131 -31.73 33.52 33.98
C LEU E 131 -32.07 32.55 32.87
N SER E 132 -31.38 31.36 32.81
CA SER E 132 -31.67 30.32 31.82
C SER E 132 -33.10 29.86 31.95
N MET E 133 -33.55 29.62 33.18
CA MET E 133 -34.91 29.18 33.49
C MET E 133 -35.94 30.22 33.04
N CYS E 134 -35.67 31.49 33.32
CA CYS E 134 -36.55 32.59 32.95
C CYS E 134 -36.56 32.82 31.47
N LEU E 135 -35.39 32.69 30.83
CA LEU E 135 -35.30 32.84 29.37
C LEU E 135 -36.17 31.73 28.70
N LYS E 136 -36.07 30.47 29.19
CA LYS E 136 -36.85 29.36 28.66
C LYS E 136 -38.33 29.68 28.76
N GLU E 137 -38.79 30.12 29.93
CA GLU E 137 -40.20 30.43 30.13
C GLU E 137 -40.71 31.60 29.27
N ALA E 138 -39.92 32.68 29.16
CA ALA E 138 -40.30 33.84 28.36
C ALA E 138 -40.57 33.39 26.92
N VAL E 139 -39.70 32.52 26.38
CA VAL E 139 -39.82 31.99 25.02
C VAL E 139 -40.96 30.96 24.90
N THR E 140 -41.19 30.12 25.93
CA THR E 140 -42.31 29.18 25.94
C THR E 140 -43.60 30.02 25.81
N ASN E 141 -43.66 31.16 26.51
CA ASN E 141 -44.83 32.03 26.47
C ASN E 141 -45.02 32.63 25.08
N VAL E 142 -43.93 33.02 24.43
CA VAL E 142 -44.00 33.55 23.07
C VAL E 142 -44.61 32.47 22.18
N VAL E 143 -44.08 31.25 22.23
CA VAL E 143 -44.53 30.16 21.36
C VAL E 143 -46.00 29.78 21.60
N LYS E 144 -46.42 29.66 22.88
CA LYS E 144 -47.75 29.22 23.28
C LYS E 144 -48.83 30.24 23.08
N HIS E 145 -48.51 31.53 23.31
CA HIS E 145 -49.53 32.55 23.35
C HIS E 145 -49.49 33.71 22.36
N SER E 146 -48.32 34.16 21.94
CA SER E 146 -48.20 35.42 21.24
C SER E 146 -48.79 35.53 19.84
N GLN E 147 -48.63 34.45 19.05
CA GLN E 147 -48.91 34.39 17.61
C GLN E 147 -47.97 35.36 16.86
N ALA E 148 -46.78 35.58 17.46
CA ALA E 148 -45.72 36.43 16.92
C ALA E 148 -45.13 35.84 15.65
N LYS E 149 -44.52 36.69 14.84
CA LYS E 149 -43.74 36.28 13.67
C LYS E 149 -42.25 36.49 13.95
N THR E 150 -41.94 37.33 14.97
CA THR E 150 -40.57 37.68 15.41
C THR E 150 -40.43 37.67 16.95
N CYS E 151 -39.27 37.22 17.43
CA CYS E 151 -38.91 37.24 18.83
C CYS E 151 -37.48 37.74 18.97
N ARG E 152 -37.31 38.81 19.77
CA ARG E 152 -36.01 39.42 19.99
C ARG E 152 -35.54 39.20 21.41
N VAL E 153 -34.31 38.68 21.54
CA VAL E 153 -33.69 38.46 22.84
C VAL E 153 -32.42 39.32 22.95
N ASP E 154 -32.36 40.16 24.00
CA ASP E 154 -31.23 41.03 24.31
C ASP E 154 -30.69 40.65 25.66
N ILE E 155 -29.39 40.63 25.79
CA ILE E 155 -28.70 40.29 27.01
C ILE E 155 -27.61 41.33 27.17
N GLN E 156 -27.69 42.10 28.24
CA GLN E 156 -26.75 43.19 28.46
C GLN E 156 -26.27 43.25 29.93
N GLN E 157 -24.94 43.54 30.10
CA GLN E 157 -24.28 43.71 31.40
C GLN E 157 -24.37 45.22 31.62
N LEU E 158 -25.32 45.64 32.47
CA LEU E 158 -25.52 47.06 32.71
C LEU E 158 -25.27 47.31 34.15
N TRP E 159 -24.18 48.03 34.44
CA TRP E 159 -23.75 48.39 35.80
C TRP E 159 -23.58 47.12 36.65
N LYS E 160 -24.37 46.94 37.73
CA LYS E 160 -24.25 45.75 38.58
C LYS E 160 -25.36 44.73 38.34
N GLU E 161 -25.94 44.70 37.13
CA GLU E 161 -26.99 43.75 36.78
C GLU E 161 -26.75 43.12 35.45
N VAL E 162 -27.33 41.95 35.25
CA VAL E 162 -27.45 41.36 33.93
C VAL E 162 -28.92 41.58 33.63
N VAL E 163 -29.20 42.22 32.50
CA VAL E 163 -30.57 42.47 32.07
C VAL E 163 -30.90 41.67 30.79
N ILE E 164 -31.97 40.88 30.83
CA ILE E 164 -32.42 40.13 29.65
C ILE E 164 -33.77 40.67 29.23
N THR E 165 -33.92 41.01 27.95
CA THR E 165 -35.21 41.43 27.42
C THR E 165 -35.65 40.40 26.37
N VAL E 166 -36.91 39.97 26.46
CA VAL E 166 -37.51 39.08 25.48
C VAL E 166 -38.72 39.83 24.97
N SER E 167 -38.70 40.16 23.69
CA SER E 167 -39.79 40.86 23.09
C SER E 167 -40.33 40.08 21.90
N ASP E 168 -41.62 40.23 21.65
CA ASP E 168 -42.26 39.62 20.50
C ASP E 168 -43.28 40.58 19.92
N ASP E 169 -43.59 40.37 18.64
CA ASP E 169 -44.49 41.22 17.87
C ASP E 169 -45.90 40.63 17.70
N GLY E 170 -46.29 39.77 18.63
CA GLY E 170 -47.63 39.20 18.62
C GLY E 170 -48.58 40.10 19.42
N THR E 171 -49.58 39.49 20.04
CA THR E 171 -50.54 40.23 20.87
C THR E 171 -50.63 39.58 22.23
N PHE E 172 -50.60 40.41 23.28
CA PHE E 172 -50.70 39.93 24.65
C PHE E 172 -52.10 39.39 24.93
N LYS E 173 -52.18 38.20 25.53
CA LYS E 173 -53.45 37.51 25.75
C LYS E 173 -53.98 37.50 27.18
N GLY E 174 -53.19 38.01 28.11
CA GLY E 174 -53.54 38.00 29.52
C GLY E 174 -54.50 39.08 29.96
N SER E 180 -50.51 34.98 38.14
CA SER E 180 -51.22 34.09 39.06
C SER E 180 -50.31 33.03 39.64
N LYS E 181 -50.64 32.58 40.87
CA LYS E 181 -49.93 31.53 41.57
C LYS E 181 -49.84 30.27 40.70
N GLY E 182 -48.65 29.67 40.69
CA GLY E 182 -48.35 28.44 39.98
C GLY E 182 -48.06 28.57 38.50
N HIS E 183 -47.95 29.80 38.00
CA HIS E 183 -47.70 30.03 36.58
C HIS E 183 -46.46 30.87 36.37
N GLY E 184 -45.98 30.87 35.14
CA GLY E 184 -44.71 31.45 34.75
C GLY E 184 -44.43 32.90 35.03
N LEU E 185 -45.37 33.81 34.75
CA LEU E 185 -45.08 35.24 34.99
C LEU E 185 -44.80 35.56 36.45
N LEU E 186 -45.68 35.10 37.33
CA LEU E 186 -45.47 35.31 38.75
C LEU E 186 -44.32 34.46 39.25
N GLY E 187 -44.20 33.25 38.71
CA GLY E 187 -43.11 32.34 39.03
C GLY E 187 -41.74 32.95 38.78
N MET E 188 -41.54 33.53 37.57
CA MET E 188 -40.31 34.19 37.19
C MET E 188 -40.06 35.37 38.09
N ARG E 189 -41.10 36.21 38.34
CA ARG E 189 -40.95 37.37 39.20
C ARG E 189 -40.52 36.97 40.62
N GLU E 190 -41.18 35.98 41.22
CA GLU E 190 -40.85 35.53 42.56
C GLU E 190 -39.44 34.96 42.64
N ARG E 191 -39.03 34.14 41.64
CA ARG E 191 -37.68 33.57 41.65
C ARG E 191 -36.65 34.65 41.50
N LEU E 192 -36.89 35.62 40.58
CA LEU E 192 -35.96 36.73 40.38
C LEU E 192 -35.87 37.61 41.60
N GLU E 193 -37.01 37.95 42.21
CA GLU E 193 -37.05 38.82 43.39
C GLU E 193 -36.32 38.20 44.59
N PHE E 194 -36.40 36.86 44.72
CA PHE E 194 -35.70 36.13 45.76
C PHE E 194 -34.19 36.26 45.59
N ALA E 195 -33.74 36.37 44.33
CA ALA E 195 -32.34 36.59 43.96
C ALA E 195 -31.94 38.09 43.94
N ASN E 196 -32.83 38.97 44.47
CA ASN E 196 -32.68 40.43 44.53
C ASN E 196 -32.68 41.03 43.13
N GLY E 197 -33.38 40.35 42.23
CA GLY E 197 -33.63 40.80 40.88
C GLY E 197 -35.04 41.31 40.72
N SER E 198 -35.49 41.43 39.47
CA SER E 198 -36.78 42.01 39.09
C SER E 198 -37.29 41.48 37.76
N LEU E 199 -38.59 41.61 37.55
CA LEU E 199 -39.26 41.29 36.30
C LEU E 199 -40.26 42.40 36.04
N HIS E 200 -40.16 43.02 34.86
CA HIS E 200 -41.12 44.02 34.39
C HIS E 200 -41.67 43.58 33.04
N ILE E 201 -42.90 43.99 32.77
CA ILE E 201 -43.59 43.64 31.55
C ILE E 201 -44.23 44.86 30.88
N ASP E 202 -44.14 44.89 29.55
CA ASP E 202 -44.79 45.90 28.72
C ASP E 202 -45.57 45.15 27.64
N THR E 203 -46.88 45.38 27.60
CA THR E 203 -47.80 44.66 26.70
C THR E 203 -48.45 45.56 25.65
N GLU E 204 -47.83 46.71 25.36
CA GLU E 204 -48.34 47.59 24.35
C GLU E 204 -48.10 47.01 22.94
N ASN E 205 -46.87 47.05 22.41
CA ASN E 205 -46.55 46.58 21.05
C ASN E 205 -46.09 45.11 21.04
N GLY E 206 -47.03 44.22 21.32
CA GLY E 206 -46.75 42.82 21.54
C GLY E 206 -46.48 42.70 23.02
N THR E 207 -45.49 41.88 23.39
CA THR E 207 -45.13 41.64 24.80
C THR E 207 -43.63 41.72 24.94
N LYS E 208 -43.19 42.51 25.92
CA LYS E 208 -41.77 42.66 26.23
C LYS E 208 -41.54 42.48 27.73
N LEU E 209 -40.72 41.48 28.06
CA LEU E 209 -40.33 41.14 29.41
C LEU E 209 -38.91 41.62 29.65
N THR E 210 -38.70 42.34 30.75
CA THR E 210 -37.37 42.80 31.15
C THR E 210 -37.04 42.13 32.48
N MET E 211 -36.05 41.28 32.49
CA MET E 211 -35.67 40.56 33.69
C MET E 211 -34.27 40.97 34.06
N ALA E 212 -34.02 41.30 35.33
CA ALA E 212 -32.70 41.72 35.79
C ALA E 212 -32.32 40.93 37.01
N ILE E 213 -31.02 40.67 37.14
CA ILE E 213 -30.50 39.93 38.26
C ILE E 213 -29.15 40.55 38.59
N PRO E 214 -28.81 40.63 39.89
CA PRO E 214 -27.51 41.18 40.27
C PRO E 214 -26.34 40.38 39.74
N ASN E 215 -25.20 41.09 39.59
CA ASN E 215 -23.85 40.57 39.53
C ASN E 215 -22.78 41.45 38.94
N ASN E 216 -21.65 41.33 39.69
CA ASN E 216 -20.31 41.93 39.57
C ASN E 216 -19.32 40.76 39.39
N MET F 5 0.62 -25.12 19.05
CA MET F 5 0.46 -23.94 19.92
C MET F 5 1.29 -22.74 19.44
N ILE F 6 0.64 -21.63 19.13
CA ILE F 6 1.30 -20.42 18.68
C ILE F 6 1.81 -19.65 19.89
N SER F 7 3.12 -19.39 19.92
CA SER F 7 3.79 -18.61 20.97
C SER F 7 3.76 -17.14 20.57
N ILE F 8 3.29 -16.31 21.50
CA ILE F 8 3.10 -14.87 21.30
C ILE F 8 3.85 -14.05 22.34
N PHE F 9 4.53 -12.99 21.88
CA PHE F 9 5.11 -12.00 22.76
C PHE F 9 4.26 -10.73 22.52
N ILE F 10 3.90 -10.01 23.61
CA ILE F 10 3.12 -8.78 23.47
C ILE F 10 3.93 -7.61 23.98
N ALA F 11 4.16 -6.60 23.14
CA ALA F 11 4.82 -5.36 23.53
C ALA F 11 3.75 -4.23 23.50
N GLU F 12 3.43 -3.67 24.68
CA GLU F 12 2.41 -2.62 24.87
C GLU F 12 2.79 -1.87 26.12
N ASP F 13 3.01 -0.55 26.01
CA ASP F 13 3.46 0.26 27.15
C ASP F 13 2.37 0.52 28.20
N GLN F 14 1.09 0.55 27.79
CA GLN F 14 -0.06 0.73 28.68
C GLN F 14 -0.45 -0.62 29.29
N GLN F 15 -0.04 -0.80 30.56
CA GLN F 15 -0.19 -2.00 31.36
C GLN F 15 -1.60 -2.61 31.36
N MET F 16 -2.65 -1.77 31.47
CA MET F 16 -4.04 -2.21 31.49
C MET F 16 -4.41 -2.90 30.20
N LEU F 17 -3.96 -2.34 29.07
CA LEU F 17 -4.18 -2.86 27.73
C LEU F 17 -3.33 -4.11 27.51
N LEU F 18 -2.05 -4.10 28.00
CA LEU F 18 -1.10 -5.21 27.89
C LEU F 18 -1.69 -6.45 28.55
N GLY F 19 -2.22 -6.25 29.76
CA GLY F 19 -2.88 -7.27 30.57
C GLY F 19 -4.14 -7.80 29.94
N ALA F 20 -4.99 -6.89 29.39
CA ALA F 20 -6.24 -7.24 28.69
C ALA F 20 -5.98 -8.06 27.42
N LEU F 21 -4.94 -7.69 26.63
CA LEU F 21 -4.55 -8.41 25.42
C LEU F 21 -4.08 -9.83 25.70
N GLY F 22 -3.24 -9.99 26.72
CA GLY F 22 -2.70 -11.28 27.13
C GLY F 22 -3.80 -12.21 27.56
N SER F 23 -4.77 -11.67 28.30
CA SER F 23 -5.94 -12.36 28.82
C SER F 23 -6.85 -12.78 27.66
N LEU F 24 -7.01 -11.90 26.70
CA LEU F 24 -7.86 -12.17 25.56
C LEU F 24 -7.31 -13.28 24.67
N LEU F 25 -5.97 -13.30 24.49
CA LEU F 25 -5.26 -14.28 23.66
C LEU F 25 -5.05 -15.62 24.37
N ASN F 26 -4.85 -15.64 25.71
CA ASN F 26 -4.70 -16.89 26.48
C ASN F 26 -6.00 -17.70 26.55
N LEU F 27 -7.11 -17.09 26.11
CA LEU F 27 -8.40 -17.73 26.05
C LEU F 27 -8.51 -18.67 24.86
N GLU F 28 -7.63 -18.50 23.84
CA GLU F 28 -7.52 -19.36 22.65
C GLU F 28 -6.78 -20.65 22.99
N ASP F 29 -7.30 -21.77 22.46
CA ASP F 29 -6.79 -23.12 22.70
C ASP F 29 -5.45 -23.39 21.99
N ASP F 30 -5.24 -22.73 20.83
CA ASP F 30 -4.06 -22.90 19.97
C ASP F 30 -3.05 -21.77 20.10
N MET F 31 -3.15 -20.97 21.15
CA MET F 31 -2.28 -19.82 21.38
C MET F 31 -1.79 -19.77 22.81
N GLU F 32 -0.65 -19.08 23.02
CA GLU F 32 0.02 -18.96 24.31
C GLU F 32 0.86 -17.69 24.34
N VAL F 33 0.66 -16.86 25.36
CA VAL F 33 1.45 -15.65 25.55
C VAL F 33 2.66 -16.09 26.37
N VAL F 34 3.84 -16.08 25.73
CA VAL F 34 5.11 -16.55 26.33
C VAL F 34 5.92 -15.43 27.01
N GLY F 35 5.58 -14.19 26.71
CA GLY F 35 6.24 -13.04 27.33
C GLY F 35 5.46 -11.77 27.08
N LYS F 36 5.62 -10.79 27.97
CA LYS F 36 4.98 -9.46 27.88
C LYS F 36 6.06 -8.39 28.12
N GLY F 37 5.98 -7.29 27.38
CA GLY F 37 6.90 -6.16 27.46
C GLY F 37 6.19 -4.83 27.33
N THR F 38 6.85 -3.74 27.76
CA THR F 38 6.29 -2.38 27.70
C THR F 38 7.09 -1.41 26.82
N THR F 39 8.22 -1.88 26.24
CA THR F 39 9.07 -1.05 25.37
C THR F 39 9.47 -1.83 24.12
N GLY F 40 10.01 -1.11 23.12
CA GLY F 40 10.50 -1.70 21.88
C GLY F 40 11.70 -2.60 22.13
N GLN F 41 12.56 -2.21 23.09
CA GLN F 41 13.76 -2.97 23.49
C GLN F 41 13.38 -4.32 24.10
N ASP F 42 12.31 -4.34 24.95
CA ASP F 42 11.77 -5.56 25.58
C ASP F 42 11.43 -6.57 24.48
N ALA F 43 10.85 -6.07 23.35
CA ALA F 43 10.48 -6.85 22.18
C ALA F 43 11.69 -7.37 21.44
N VAL F 44 12.68 -6.52 21.17
CA VAL F 44 13.92 -6.91 20.48
C VAL F 44 14.66 -7.98 21.28
N ASP F 45 14.84 -7.75 22.59
CA ASP F 45 15.51 -8.68 23.49
C ASP F 45 14.84 -10.06 23.55
N PHE F 46 13.52 -10.10 23.77
CA PHE F 46 12.77 -11.37 23.86
C PHE F 46 12.77 -12.14 22.55
N VAL F 47 12.44 -11.46 21.44
CA VAL F 47 12.32 -12.07 20.11
C VAL F 47 13.65 -12.66 19.61
N LYS F 48 14.77 -11.94 19.77
CA LYS F 48 16.09 -12.43 19.36
C LYS F 48 16.52 -13.64 20.23
N LYS F 49 16.18 -13.61 21.54
CA LYS F 49 16.57 -14.66 22.49
C LYS F 49 15.62 -15.88 22.55
N ARG F 50 14.32 -15.64 22.76
CA ARG F 50 13.30 -16.69 22.92
C ARG F 50 12.60 -17.14 21.64
N GLN F 51 12.72 -16.34 20.57
CA GLN F 51 12.18 -16.61 19.23
C GLN F 51 10.69 -17.08 19.22
N PRO F 52 9.73 -16.25 19.68
CA PRO F 52 8.31 -16.66 19.59
C PRO F 52 7.85 -16.61 18.14
N ASP F 53 6.80 -17.37 17.81
CA ASP F 53 6.23 -17.38 16.47
C ASP F 53 5.77 -15.98 16.05
N VAL F 54 5.06 -15.31 16.95
CA VAL F 54 4.44 -14.02 16.72
C VAL F 54 4.80 -12.99 17.79
N CYS F 55 4.94 -11.73 17.36
CA CYS F 55 5.14 -10.60 18.24
C CYS F 55 4.03 -9.56 17.94
N ILE F 56 3.20 -9.23 18.96
CA ILE F 56 2.14 -8.24 18.89
C ILE F 56 2.82 -6.98 19.38
N MET F 57 2.94 -6.03 18.49
CA MET F 57 3.72 -4.83 18.70
C MET F 57 2.93 -3.53 18.64
N ASP F 58 2.92 -2.82 19.75
CA ASP F 58 2.36 -1.48 19.81
C ASP F 58 3.38 -0.55 19.11
N ILE F 59 2.96 0.59 18.53
CA ILE F 59 3.94 1.49 17.90
C ILE F 59 4.55 2.39 18.94
N GLU F 60 3.75 3.32 19.45
CA GLU F 60 4.25 4.33 20.38
C GLU F 60 4.46 3.79 21.78
N MET F 61 5.71 3.56 22.10
CA MET F 61 6.18 3.06 23.40
C MET F 61 7.41 3.86 23.74
N PRO F 62 7.77 4.05 25.02
CA PRO F 62 8.99 4.80 25.33
C PRO F 62 10.26 4.01 25.01
N GLY F 63 11.35 4.73 24.75
CA GLY F 63 12.65 4.16 24.42
C GLY F 63 12.82 3.89 22.94
N LYS F 64 12.21 2.79 22.49
CA LYS F 64 12.20 2.37 21.09
C LYS F 64 10.77 2.09 20.73
N THR F 65 10.32 2.63 19.60
CA THR F 65 8.95 2.40 19.13
C THR F 65 8.87 0.99 18.58
N GLY F 66 7.65 0.49 18.41
CA GLY F 66 7.40 -0.81 17.84
C GLY F 66 7.82 -0.92 16.41
N LEU F 67 7.84 0.23 15.68
CA LEU F 67 8.29 0.32 14.28
C LEU F 67 9.80 0.18 14.23
N GLU F 68 10.51 0.84 15.17
CA GLU F 68 11.96 0.75 15.36
C GLU F 68 12.31 -0.71 15.74
N ALA F 69 11.56 -1.31 16.70
CA ALA F 69 11.75 -2.69 17.12
C ALA F 69 11.56 -3.65 15.95
N ALA F 70 10.51 -3.40 15.12
CA ALA F 70 10.20 -4.20 13.94
C ALA F 70 11.35 -4.16 12.94
N GLU F 71 11.99 -2.99 12.77
CA GLU F 71 13.14 -2.83 11.87
C GLU F 71 14.34 -3.67 12.34
N GLU F 72 14.61 -3.69 13.66
CA GLU F 72 15.71 -4.46 14.25
C GLU F 72 15.48 -5.97 14.15
N LEU F 73 14.21 -6.38 14.01
CA LEU F 73 13.79 -7.78 13.95
C LEU F 73 13.41 -8.25 12.53
N LYS F 74 13.64 -7.40 11.50
CA LYS F 74 13.33 -7.63 10.09
C LYS F 74 13.81 -9.00 9.55
N ASP F 75 14.99 -9.46 9.99
CA ASP F 75 15.54 -10.71 9.48
C ASP F 75 15.55 -11.86 10.51
N THR F 76 14.74 -11.75 11.58
CA THR F 76 14.66 -12.76 12.64
C THR F 76 13.70 -13.93 12.40
N GLY F 77 12.76 -13.86 11.47
CA GLY F 77 11.87 -14.99 11.25
C GLY F 77 10.62 -15.01 12.11
N CYS F 78 10.50 -14.02 13.00
CA CYS F 78 9.32 -13.82 13.83
C CYS F 78 8.30 -13.04 13.02
N LYS F 79 7.02 -13.40 13.16
CA LYS F 79 5.94 -12.72 12.44
C LYS F 79 5.40 -11.58 13.29
N ILE F 80 5.68 -10.33 12.88
CA ILE F 80 5.25 -9.16 13.64
C ILE F 80 3.88 -8.62 13.19
N ILE F 81 2.98 -8.43 14.16
CA ILE F 81 1.68 -7.82 13.94
C ILE F 81 1.69 -6.52 14.73
N ILE F 82 1.56 -5.39 14.04
CA ILE F 82 1.50 -4.09 14.67
C ILE F 82 0.06 -3.81 15.10
N LEU F 83 -0.03 -3.19 16.25
CA LEU F 83 -1.25 -2.72 16.84
C LEU F 83 -1.13 -1.22 17.15
N THR F 84 -2.12 -0.49 16.65
CA THR F 84 -2.29 0.94 16.85
C THR F 84 -3.76 1.36 17.02
N THR F 85 -3.99 2.54 17.63
CA THR F 85 -5.33 3.12 17.78
C THR F 85 -5.61 4.12 16.64
N PHE F 86 -4.71 5.08 16.42
CA PHE F 86 -4.86 6.13 15.41
C PHE F 86 -3.89 5.96 14.26
N ALA F 87 -4.35 6.26 13.03
CA ALA F 87 -3.46 6.19 11.89
C ALA F 87 -2.58 7.42 11.73
N ARG F 88 -1.28 7.19 11.57
CA ARG F 88 -0.35 8.28 11.33
C ARG F 88 0.32 8.09 9.95
N PRO F 89 0.46 9.20 9.17
CA PRO F 89 1.01 9.06 7.81
C PRO F 89 2.44 8.55 7.77
N GLY F 90 2.65 7.53 6.94
CA GLY F 90 3.95 6.92 6.79
C GLY F 90 4.22 5.78 7.74
N TYR F 91 3.37 5.58 8.76
CA TYR F 91 3.56 4.47 9.70
C TYR F 91 3.35 3.17 8.91
N PHE F 92 2.37 3.14 7.96
CA PHE F 92 2.07 1.93 7.21
C PHE F 92 3.20 1.54 6.30
N GLN F 93 3.76 2.52 5.56
CA GLN F 93 4.87 2.30 4.64
C GLN F 93 6.13 1.89 5.36
N ARG F 94 6.41 2.46 6.56
CA ARG F 94 7.56 2.11 7.38
C ARG F 94 7.39 0.67 7.90
N ALA F 95 6.14 0.30 8.30
CA ALA F 95 5.76 -1.02 8.81
C ALA F 95 5.99 -2.10 7.74
N ILE F 96 5.45 -1.91 6.54
CA ILE F 96 5.61 -2.89 5.44
C ILE F 96 7.07 -3.01 4.98
N LYS F 97 7.84 -1.88 4.95
CA LYS F 97 9.26 -1.91 4.58
C LYS F 97 10.07 -2.67 5.65
N ALA F 98 9.59 -2.65 6.93
CA ALA F 98 10.19 -3.39 8.03
C ALA F 98 9.80 -4.88 7.98
N GLY F 99 8.84 -5.23 7.12
CA GLY F 99 8.38 -6.59 6.91
C GLY F 99 7.33 -7.06 7.88
N VAL F 100 6.52 -6.14 8.46
CA VAL F 100 5.48 -6.56 9.39
C VAL F 100 4.43 -7.35 8.62
N LYS F 101 3.95 -8.41 9.25
CA LYS F 101 2.97 -9.29 8.63
C LYS F 101 1.54 -8.83 8.84
N GLY F 102 1.32 -8.00 9.84
CA GLY F 102 0.01 -7.46 10.15
C GLY F 102 0.11 -6.05 10.70
N TYR F 103 -0.92 -5.24 10.46
CA TYR F 103 -1.02 -3.85 10.92
C TYR F 103 -2.50 -3.67 11.16
N LEU F 104 -2.87 -3.79 12.44
CA LEU F 104 -4.25 -3.82 12.90
C LEU F 104 -4.61 -2.72 13.92
N LEU F 105 -5.93 -2.56 14.21
CA LEU F 105 -6.43 -1.64 15.25
C LEU F 105 -6.50 -2.34 16.61
N LYS F 106 -6.09 -1.69 17.71
CA LYS F 106 -6.06 -2.43 18.99
C LYS F 106 -7.42 -2.89 19.38
N ASP F 107 -8.41 -2.02 19.08
CA ASP F 107 -9.81 -2.12 19.40
C ASP F 107 -10.56 -3.01 18.47
N SER F 108 -9.89 -3.72 17.51
CA SER F 108 -10.57 -4.66 16.61
C SER F 108 -11.13 -5.77 17.51
N PRO F 109 -12.33 -6.34 17.24
CA PRO F 109 -12.86 -7.39 18.15
C PRO F 109 -11.82 -8.48 18.34
N SER F 110 -11.71 -9.05 19.56
CA SER F 110 -10.72 -10.08 19.89
C SER F 110 -10.70 -11.28 18.95
N GLU F 111 -11.90 -11.71 18.46
CA GLU F 111 -12.05 -12.80 17.46
C GLU F 111 -11.23 -12.49 16.20
N GLU F 112 -11.18 -11.24 15.75
CA GLU F 112 -10.45 -10.83 14.55
C GLU F 112 -8.92 -10.77 14.74
N LEU F 113 -8.44 -10.48 15.99
CA LEU F 113 -7.00 -10.46 16.30
C LEU F 113 -6.46 -11.90 16.27
N ALA F 114 -7.19 -12.85 16.93
CA ALA F 114 -6.82 -14.25 16.94
C ALA F 114 -6.77 -14.78 15.49
N ASN F 115 -7.76 -14.38 14.63
CA ASN F 115 -7.84 -14.73 13.20
C ASN F 115 -6.68 -14.20 12.41
N ALA F 116 -6.26 -12.95 12.65
CA ALA F 116 -5.09 -12.36 12.00
C ALA F 116 -3.78 -13.11 12.37
N ILE F 117 -3.64 -13.57 13.67
CA ILE F 117 -2.48 -14.34 14.15
C ILE F 117 -2.40 -15.65 13.38
N ARG F 118 -3.55 -16.36 13.21
CA ARG F 118 -3.63 -17.61 12.48
C ARG F 118 -3.30 -17.41 10.99
N SER F 119 -3.85 -16.33 10.38
CA SER F 119 -3.64 -15.96 8.96
C SER F 119 -2.19 -15.66 8.69
N VAL F 120 -1.55 -14.90 9.57
CA VAL F 120 -0.13 -14.52 9.49
C VAL F 120 0.77 -15.79 9.59
N MET F 121 0.39 -16.72 10.49
CA MET F 121 1.06 -18.01 10.67
C MET F 121 0.91 -18.88 9.43
N ASN F 122 -0.13 -18.62 8.61
CA ASN F 122 -0.46 -19.29 7.35
C ASN F 122 0.15 -18.55 6.13
N GLY F 123 1.08 -17.64 6.40
CA GLY F 123 1.80 -16.87 5.39
C GLY F 123 1.11 -15.67 4.79
N LYS F 124 -0.05 -15.28 5.33
CA LYS F 124 -0.80 -14.12 4.83
C LYS F 124 -0.35 -12.80 5.48
N ARG F 125 -0.58 -11.68 4.77
CA ARG F 125 -0.29 -10.34 5.28
C ARG F 125 -1.65 -9.67 5.55
N ILE F 126 -1.92 -9.28 6.81
CA ILE F 126 -3.21 -8.71 7.23
C ILE F 126 -3.13 -7.22 7.61
N TYR F 127 -3.73 -6.34 6.79
CA TYR F 127 -3.72 -4.90 6.99
C TYR F 127 -5.11 -4.31 7.19
N ALA F 128 -5.25 -3.36 8.12
CA ALA F 128 -6.52 -2.68 8.29
C ALA F 128 -6.66 -1.61 7.20
N PRO F 129 -7.80 -1.57 6.45
CA PRO F 129 -7.96 -0.52 5.42
C PRO F 129 -7.96 0.91 5.98
N GLU F 130 -8.42 1.07 7.26
CA GLU F 130 -8.56 2.33 8.01
C GLU F 130 -7.23 2.98 8.26
N LEU F 131 -6.25 2.13 8.60
CA LEU F 131 -4.90 2.52 8.95
C LEU F 131 -4.01 2.95 7.79
N MET F 132 -4.44 2.73 6.54
CA MET F 132 -3.59 2.97 5.36
C MET F 132 -4.21 3.87 4.32
N GLU F 133 -5.02 4.85 4.76
CA GLU F 133 -5.68 5.80 3.85
C GLU F 133 -4.68 6.71 3.03
N ASP F 134 -3.36 6.34 3.02
CA ASP F 134 -2.27 6.96 2.26
C ASP F 134 -2.18 6.23 0.90
N LEU F 135 -2.97 6.73 -0.06
CA LEU F 135 -3.07 6.28 -1.44
C LEU F 135 -2.69 7.53 -2.25
N TYR F 136 -3.53 8.62 -2.19
CA TYR F 136 -3.25 9.92 -2.85
C TYR F 136 -4.23 11.00 -2.38
PG ACP G . 36.42 -3.39 -15.43
O1G ACP G . 36.57 -4.64 -16.25
O2G ACP G . 35.92 -3.60 -13.98
O3G ACP G . 35.54 -2.33 -16.12
PB ACP G . 38.26 -0.99 -15.59
O1B ACP G . 39.62 -0.54 -15.18
O2B ACP G . 37.10 -0.26 -14.86
C3B ACP G . 38.07 -2.73 -15.22
PA ACP G . 37.14 0.21 -17.99
O1A ACP G . 37.05 -0.28 -19.43
O2A ACP G . 35.82 0.35 -17.34
O3A ACP G . 38.03 -0.84 -17.17
O5' ACP G . 37.90 1.61 -17.97
C5' ACP G . 39.20 1.68 -18.56
C4' ACP G . 40.02 2.73 -17.87
O4' ACP G . 39.47 4.04 -18.11
C3' ACP G . 40.09 2.64 -16.35
O3' ACP G . 41.03 1.67 -15.86
C2' ACP G . 40.48 4.07 -15.96
O2' ACP G . 41.86 4.31 -16.17
C1' ACP G . 39.66 4.88 -16.99
N9 ACP G . 38.37 5.34 -16.51
C8 ACP G . 37.14 4.86 -16.84
N7 ACP G . 36.13 5.54 -16.34
C5 ACP G . 36.75 6.55 -15.62
C6 ACP G . 36.24 7.62 -14.85
N6 ACP G . 34.94 7.85 -14.67
N1 ACP G . 37.12 8.45 -14.26
C2 ACP G . 38.43 8.21 -14.42
N3 ACP G . 39.04 7.23 -15.11
C4 ACP G . 38.13 6.44 -15.71
MG MG H . 35.15 -0.39 -15.52
PG ACP I . 22.05 -57.48 -16.02
O1G ACP I . 22.89 -56.76 -17.11
O2G ACP I . 21.61 -56.46 -14.96
O3G ACP I . 20.95 -58.28 -16.63
PB ACP I . 24.87 -58.46 -15.43
O1B ACP I . 25.20 -56.93 -15.35
O2B ACP I . 25.65 -59.26 -14.47
C3B ACP I . 23.12 -58.60 -15.10
PA ACP I . 25.91 -58.27 -18.10
O1A ACP I . 25.54 -59.01 -19.40
O2A ACP I . 25.64 -56.82 -18.18
O3A ACP I . 25.08 -58.94 -16.92
O5' ACP I . 27.46 -58.49 -17.82
C5' ACP I . 27.96 -59.84 -17.74
C4' ACP I . 29.15 -59.89 -16.81
O4' ACP I . 30.26 -59.17 -17.37
C3' ACP I . 28.95 -59.28 -15.44
O3' ACP I . 28.25 -60.09 -14.51
C2' ACP I . 30.38 -59.01 -15.01
O2' ACP I . 31.03 -60.20 -14.55
C1' ACP I . 31.02 -58.57 -16.32
N9 ACP I . 31.07 -57.13 -16.53
C8 ACP I . 30.27 -56.38 -17.37
N7 ACP I . 30.60 -55.12 -17.44
C5 ACP I . 31.67 -55.01 -16.57
C6 ACP I . 32.48 -53.91 -16.17
N6 ACP I . 32.31 -52.66 -16.62
N1 ACP I . 33.47 -54.15 -15.27
C2 ACP I . 33.63 -55.39 -14.80
N3 ACP I . 32.93 -56.50 -15.09
C4 ACP I . 31.96 -56.23 -15.99
MG MG J . 24.63 -55.57 -16.87
MG MG K . -7.01 -9.78 -19.80
K K L . -27.55 -14.03 -6.71
K K M . -15.80 7.23 -9.11
PG ACP N . -6.60 37.30 -3.33
O1G ACP N . -5.16 36.81 -3.06
O2G ACP N . -7.43 36.14 -3.95
O3G ACP N . -7.22 37.98 -2.15
PB ACP N . -5.00 38.71 -5.48
O1B ACP N . -5.16 39.60 -6.66
O2B ACP N . -4.52 37.27 -5.83
C3B ACP N . -6.56 38.52 -4.64
PA ACP N . -2.48 38.89 -4.03
O1A ACP N . -2.08 39.62 -2.75
O2A ACP N . -2.40 37.42 -3.91
O3A ACP N . -3.98 39.31 -4.40
O5' ACP N . -1.53 39.38 -5.20
C5' ACP N . -1.46 40.80 -5.47
C4' ACP N . -1.18 41.03 -6.93
O4' ACP N . 0.15 40.58 -7.25
C3' ACP N . -2.08 40.30 -7.93
O3' ACP N . -3.34 40.93 -8.13
C2' ACP N . -1.21 40.29 -9.18
O2' ACP N . -1.23 41.54 -9.85
C1' ACP N . 0.18 40.07 -8.58
N9 ACP N . 0.62 38.69 -8.54
C8 ACP N . 0.70 37.86 -7.45
N7 ACP N . 1.23 36.69 -7.69
C5 ACP N . 1.53 36.74 -9.05
C6 ACP N . 2.12 35.80 -9.93
N6 ACP N . 2.52 34.58 -9.55
N1 ACP N . 2.26 36.16 -11.23
C2 ACP N . 1.84 37.38 -11.61
N3 ACP N . 1.27 38.34 -10.87
C4 ACP N . 1.15 37.96 -9.59
MG MG O . -3.80 35.96 -4.40
PG ACP P . -47.47 28.20 32.64
O1G ACP P . -46.56 29.44 32.56
O2G ACP P . -46.99 27.14 31.63
O3G ACP P . -47.62 27.71 34.05
PB ACP P . -49.26 30.25 31.29
O1B ACP P . -48.08 30.32 30.27
O2B ACP P . -50.59 30.39 30.66
C3B ACP P . -49.11 28.64 32.06
PA ACP P . -48.08 32.62 32.45
O1A ACP P . -46.75 32.29 31.87
O2A ACP P . -48.01 33.12 33.89
O3A ACP P . -49.01 31.32 32.43
O5' ACP P . -48.76 33.73 31.54
C5' ACP P . -50.07 34.21 31.93
C4' ACP P . -50.85 34.64 30.71
O4' ACP P . -50.24 35.79 30.12
C3' ACP P . -50.93 33.62 29.57
O3' ACP P . -51.91 32.61 29.78
C2' ACP P . -51.26 34.52 28.38
O2' ACP P . -52.62 34.89 28.36
C1' ACP P . -50.41 35.76 28.71
N9 ACP P . -49.10 35.79 28.07
C8 ACP P . -47.89 35.57 28.66
N7 ACP P . -46.86 35.77 27.87
C5 ACP P . -47.44 36.13 26.67
C6 ACP P . -46.89 36.47 25.40
N6 ACP P . -45.58 36.48 25.13
N1 ACP P . -47.75 36.78 24.40
C2 ACP P . -49.07 36.75 24.65
N3 ACP P . -49.70 36.44 25.80
C4 ACP P . -48.82 36.14 26.77
MG MG Q . -46.11 30.53 30.92
MG MG R . 1.54 3.01 23.44
#